data_5VAD
#
_entry.id   5VAD
#
_cell.length_a   71.089
_cell.length_b   92.278
_cell.length_c   84.832
_cell.angle_alpha   90.000
_cell.angle_beta   111.180
_cell.angle_gamma   90.000
#
_symmetry.space_group_name_H-M   'P 1 21 1'
#
loop_
_entity.id
_entity.type
_entity.pdbx_description
1 polymer 'Bifunctional glutamate/proline--tRNA ligase'
2 non-polymer 3-[(cyclohexanecarbonyl)amino]-N-(2,3-dihydro-1H-inden-2-yl)pyrazine-2-carboxamide
3 non-polymer PROLINE
4 non-polymer 'ZINC ION'
5 water water
#
_entity_poly.entity_id   1
_entity_poly.type   'polypeptide(L)'
_entity_poly.pdbx_seq_one_letter_code
;GSSSGAGEGQGPKKQTRLGLEAKKEENLADWYSQVITKSEMIEYHDISGCYILRPWAYAIWEAIKDFFDAEIKKLGVENC
YFPMFVSQSALEKEKTHVADFAPEVAWVTRSGKTELAEPIAIRPTSETVMYPAYAKWVQSHRDLPIKLNQWCNVVRWEFK
HPQPFLRTREFLWQEGHSAFATMEEAAEEVLQILDLYAQVYEELLAIPVVKGRKTEKEKFAGGDYTTTIEAFISASGRAI
QGGTSHHLGQNFSKMFEIVFEDPKIPGEKQFAYQNSWGLTTRTIGVMTMVHGDNMGLVLPPRVACVQVVIIPCGITNALS
EEDKEALIAKCNDYRRRLLSVNIRVRADLRDNYSPGWKFNHWELKGVPIRLEVGPRDMKSCQFVAVRRDTGEKLTVAENE
AETKLQAILEDIQVTLFTRASEDLKTHMVVANTMEDFQKILDSGKIVQIPFCGEIDCEDWIKKTTARDQDLEPGAPSMGA
KSLCIPFKPLCELQPGAKCVCGKNPAKYYTLFGRSY
;
_entity_poly.pdbx_strand_id   A,B
#
loop_
_chem_comp.id
_chem_comp.type
_chem_comp.name
_chem_comp.formula
91Y non-polymer 3-[(cyclohexanecarbonyl)amino]-N-(2,3-dihydro-1H-inden-2-yl)pyrazine-2-carboxamide 'C21 H24 N4 O2'
ZN non-polymer 'ZINC ION' 'Zn 2'
#
# COMPACT_ATOMS: atom_id res chain seq x y z
N LEU A 20 -3.49 16.20 -28.05
CA LEU A 20 -2.25 16.86 -27.55
C LEU A 20 -1.88 18.12 -28.34
N GLU A 21 -1.62 19.23 -27.64
CA GLU A 21 -1.43 20.54 -28.28
C GLU A 21 0.05 20.93 -28.39
N ALA A 22 0.77 20.89 -27.26
CA ALA A 22 2.17 21.35 -27.19
C ALA A 22 3.17 20.29 -27.68
N LYS A 23 4.29 20.79 -28.18
CA LYS A 23 5.35 19.95 -28.69
C LYS A 23 6.43 19.87 -27.64
N LYS A 24 6.90 18.65 -27.38
CA LYS A 24 7.93 18.37 -26.37
C LYS A 24 9.09 19.40 -26.35
N GLU A 25 9.62 19.69 -27.53
CA GLU A 25 10.86 20.48 -27.69
C GLU A 25 10.70 22.00 -27.61
N GLU A 26 9.51 22.50 -27.89
CA GLU A 26 9.27 23.95 -27.75
C GLU A 26 8.85 24.39 -26.36
N ASN A 27 7.80 23.78 -25.80
CA ASN A 27 7.47 24.02 -24.39
C ASN A 27 7.24 22.71 -23.64
N LEU A 28 8.25 22.38 -22.85
CA LEU A 28 8.34 21.11 -22.16
C LEU A 28 7.36 20.92 -21.01
N ALA A 29 7.28 21.89 -20.12
CA ALA A 29 6.32 21.89 -19.01
C ALA A 29 4.88 21.74 -19.49
N ASP A 30 4.49 22.58 -20.46
CA ASP A 30 3.14 22.47 -21.04
C ASP A 30 2.91 21.11 -21.69
N TRP A 31 3.92 20.61 -22.42
CA TRP A 31 3.91 19.28 -23.00
C TRP A 31 3.66 18.22 -21.91
N TYR A 32 4.37 18.31 -20.80
CA TYR A 32 4.35 17.34 -19.74
C TYR A 32 3.00 17.33 -19.06
N SER A 33 2.53 18.54 -18.75
CA SER A 33 1.21 18.75 -18.16
C SER A 33 0.11 18.09 -19.02
N GLN A 34 0.18 18.30 -20.33
CA GLN A 34 -0.76 17.70 -21.29
C GLN A 34 -0.66 16.18 -21.34
N VAL A 35 0.55 15.63 -21.36
CA VAL A 35 0.70 14.17 -21.42
C VAL A 35 0.22 13.49 -20.14
N ILE A 36 0.47 14.11 -19.00
CA ILE A 36 0.12 13.45 -17.71
C ILE A 36 -1.38 13.47 -17.47
N THR A 37 -2.04 14.52 -17.91
CA THR A 37 -3.48 14.61 -17.73
C THR A 37 -4.24 13.89 -18.86
N LYS A 38 -3.85 14.15 -20.12
CA LYS A 38 -4.51 13.55 -21.28
C LYS A 38 -4.35 12.04 -21.37
N SER A 39 -3.31 11.49 -20.74
CA SER A 39 -3.22 10.03 -20.59
C SER A 39 -3.96 9.50 -19.36
N GLU A 40 -4.57 10.41 -18.59
CA GLU A 40 -5.34 10.03 -17.37
C GLU A 40 -4.39 9.43 -16.31
N MET A 41 -3.18 9.98 -16.25
CA MET A 41 -2.26 9.56 -15.20
C MET A 41 -2.39 10.48 -14.01
N ILE A 42 -2.51 11.79 -14.24
CA ILE A 42 -2.49 12.77 -13.15
C ILE A 42 -3.70 13.68 -13.24
N GLU A 43 -4.35 13.92 -12.08
CA GLU A 43 -5.26 15.05 -11.87
C GLU A 43 -4.65 16.05 -10.87
N TYR A 44 -4.95 17.33 -11.03
CA TYR A 44 -4.47 18.36 -10.09
C TYR A 44 -5.38 18.46 -8.89
N HIS A 45 -4.80 18.86 -7.76
CA HIS A 45 -5.50 19.01 -6.49
C HIS A 45 -5.48 20.49 -6.16
N ASP A 46 -6.28 20.92 -5.19
CA ASP A 46 -6.29 22.33 -4.86
C ASP A 46 -5.16 22.76 -3.91
N ILE A 47 -4.34 21.83 -3.43
CA ILE A 47 -3.18 22.17 -2.64
C ILE A 47 -1.99 22.07 -3.56
N SER A 48 -1.25 23.15 -3.69
CA SER A 48 -0.02 23.16 -4.45
C SER A 48 0.96 22.06 -4.00
N GLY A 49 1.48 21.30 -4.98
CA GLY A 49 2.49 20.28 -4.73
C GLY A 49 1.94 18.89 -4.54
N CYS A 50 0.62 18.76 -4.49
CA CYS A 50 -0.02 17.46 -4.27
C CYS A 50 -0.80 17.06 -5.50
N TYR A 51 -0.71 15.81 -5.92
CA TYR A 51 -1.27 15.33 -7.19
C TYR A 51 -2.04 14.02 -6.98
N ILE A 52 -3.04 13.79 -7.83
CA ILE A 52 -3.84 12.59 -7.76
C ILE A 52 -3.19 11.60 -8.73
N LEU A 53 -2.83 10.42 -8.24
CA LEU A 53 -2.45 9.29 -9.08
C LEU A 53 -3.69 8.48 -9.44
N ARG A 54 -4.08 8.60 -10.71
CA ARG A 54 -5.23 7.91 -11.23
C ARG A 54 -4.78 6.48 -11.60
N PRO A 55 -5.74 5.54 -11.77
CA PRO A 55 -5.50 4.14 -12.22
C PRO A 55 -4.35 3.95 -13.16
N TRP A 56 -4.28 4.71 -14.25
CA TRP A 56 -3.25 4.49 -15.28
C TRP A 56 -1.86 4.72 -14.74
N ALA A 57 -1.66 5.74 -13.91
CA ALA A 57 -0.35 5.98 -13.28
C ALA A 57 -0.06 4.92 -12.21
N TYR A 58 -1.03 4.70 -11.32
CA TYR A 58 -0.91 3.80 -10.19
C TYR A 58 -0.61 2.34 -10.59
N ALA A 59 -1.09 1.91 -11.77
CA ALA A 59 -0.80 0.57 -12.30
C ALA A 59 0.69 0.37 -12.55
N ILE A 60 1.35 1.44 -13.01
CA ILE A 60 2.81 1.44 -13.21
C ILE A 60 3.56 1.26 -11.88
N TRP A 61 3.21 2.06 -10.86
CA TRP A 61 3.72 1.88 -9.49
C TRP A 61 3.49 0.46 -8.97
N GLU A 62 2.31 -0.10 -9.20
CA GLU A 62 2.04 -1.52 -8.82
C GLU A 62 2.93 -2.57 -9.52
N ALA A 63 3.24 -2.38 -10.81
CA ALA A 63 4.24 -3.22 -11.50
C ALA A 63 5.66 -3.08 -10.89
N ILE A 64 6.06 -1.85 -10.52
CA ILE A 64 7.35 -1.61 -9.84
C ILE A 64 7.38 -2.37 -8.49
N LYS A 65 6.32 -2.18 -7.73
CA LYS A 65 6.06 -2.82 -6.44
C LYS A 65 6.14 -4.33 -6.53
N ASP A 66 5.40 -4.94 -7.46
CA ASP A 66 5.47 -6.40 -7.68
C ASP A 66 6.94 -6.84 -7.90
N PHE A 67 7.64 -6.14 -8.80
CA PHE A 67 9.03 -6.46 -9.06
C PHE A 67 9.89 -6.27 -7.82
N PHE A 68 9.86 -5.09 -7.23
CA PHE A 68 10.73 -4.78 -6.10
C PHE A 68 10.45 -5.60 -4.85
N ASP A 69 9.20 -5.76 -4.45
CA ASP A 69 8.85 -6.60 -3.28
C ASP A 69 9.39 -8.02 -3.37
N ALA A 70 9.24 -8.67 -4.54
CA ALA A 70 9.67 -10.04 -4.68
C ALA A 70 11.18 -10.12 -4.50
N GLU A 71 11.90 -9.15 -5.08
CA GLU A 71 13.34 -9.07 -4.96
C GLU A 71 13.89 -8.87 -3.54
N ILE A 72 13.34 -7.94 -2.76
CA ILE A 72 13.77 -7.75 -1.35
C ILE A 72 13.37 -8.91 -0.45
N LYS A 73 12.32 -9.66 -0.79
CA LYS A 73 11.93 -10.81 0.05
C LYS A 73 13.02 -11.92 0.01
N LYS A 74 13.65 -12.09 -1.15
CA LYS A 74 14.75 -13.03 -1.33
C LYS A 74 15.97 -12.65 -0.48
N LEU A 75 16.14 -11.35 -0.22
CA LEU A 75 17.20 -10.82 0.64
C LEU A 75 16.84 -10.89 2.11
N GLY A 76 15.70 -11.50 2.46
CA GLY A 76 15.24 -11.60 3.85
C GLY A 76 14.59 -10.34 4.46
N VAL A 77 14.19 -9.39 3.63
CA VAL A 77 13.50 -8.15 4.12
C VAL A 77 12.01 -8.45 4.32
N GLU A 78 11.41 -7.87 5.35
CA GLU A 78 9.97 -8.03 5.58
C GLU A 78 9.22 -6.70 5.59
N ASN A 79 7.96 -6.71 5.14
CA ASN A 79 7.09 -5.53 5.17
C ASN A 79 6.42 -5.26 6.54
N CYS A 80 6.16 -3.99 6.79
CA CYS A 80 5.60 -3.55 8.08
C CYS A 80 5.01 -2.17 7.87
N TYR A 81 4.39 -1.61 8.90
CA TYR A 81 3.91 -0.25 8.83
C TYR A 81 4.12 0.49 10.13
N PHE A 82 4.99 1.49 10.10
CA PHE A 82 5.30 2.38 11.24
C PHE A 82 4.48 3.63 11.09
N PRO A 83 4.09 4.29 12.21
CA PRO A 83 3.23 5.48 12.15
C PRO A 83 3.75 6.65 11.33
N MET A 84 2.84 7.48 10.87
CA MET A 84 3.16 8.72 10.19
C MET A 84 3.71 9.84 11.09
N PHE A 85 3.51 9.70 12.41
CA PHE A 85 3.76 10.82 13.32
C PHE A 85 5.00 10.64 14.16
N VAL A 86 5.76 11.74 14.29
CA VAL A 86 6.94 11.79 15.13
C VAL A 86 6.78 12.83 16.23
N SER A 87 7.10 12.44 17.45
CA SER A 87 7.27 13.41 18.54
C SER A 87 8.52 14.26 18.32
N GLN A 88 8.49 15.50 18.82
CA GLN A 88 9.61 16.44 18.71
C GLN A 88 10.92 15.92 19.35
N SER A 89 10.82 15.19 20.45
CA SER A 89 12.00 14.57 21.08
C SER A 89 12.71 13.54 20.19
N ALA A 90 11.95 12.59 19.66
CA ALA A 90 12.49 11.55 18.77
C ALA A 90 13.17 12.11 17.51
N LEU A 91 12.55 13.11 16.88
CA LEU A 91 13.01 13.69 15.62
C LEU A 91 14.39 14.38 15.71
N GLU A 92 14.68 14.98 16.87
CA GLU A 92 15.91 15.76 17.10
C GLU A 92 17.11 14.91 17.55
N LYS A 93 16.86 13.65 17.89
CA LYS A 93 17.85 12.75 18.51
C LYS A 93 19.17 12.64 17.74
N GLU A 94 19.09 12.53 16.42
CA GLU A 94 20.27 12.63 15.57
C GLU A 94 20.28 14.00 14.94
N LYS A 95 21.34 14.75 15.25
CA LYS A 95 21.37 16.20 15.04
C LYS A 95 21.62 16.63 13.58
N THR A 96 22.47 15.89 12.87
CA THR A 96 22.77 16.21 11.45
C THR A 96 21.57 15.88 10.57
N HIS A 97 20.82 14.86 10.98
CA HIS A 97 19.60 14.44 10.30
C HIS A 97 18.48 15.45 10.46
N VAL A 98 18.15 15.77 11.71
CA VAL A 98 17.08 16.72 12.03
C VAL A 98 17.28 18.06 11.35
N ALA A 99 18.47 18.64 11.46
CA ALA A 99 18.73 19.99 10.96
C ALA A 99 18.50 20.13 9.46
N ASP A 100 18.96 19.15 8.68
CA ASP A 100 18.74 19.11 7.22
C ASP A 100 17.25 19.04 6.82
N PHE A 101 16.47 18.26 7.57
CA PHE A 101 15.03 18.08 7.32
C PHE A 101 14.07 19.08 8.01
N ALA A 102 14.49 19.64 9.15
CA ALA A 102 13.58 20.42 10.01
C ALA A 102 12.70 21.46 9.29
N PRO A 103 13.26 22.21 8.29
CA PRO A 103 12.40 23.22 7.64
C PRO A 103 11.37 22.70 6.61
N GLU A 104 11.50 21.47 6.13
CA GLU A 104 10.44 20.90 5.27
C GLU A 104 9.49 19.95 6.03
N VAL A 105 9.64 19.89 7.35
CA VAL A 105 8.74 19.09 8.20
C VAL A 105 7.39 19.80 8.44
N ALA A 106 6.31 19.11 8.07
CA ALA A 106 4.95 19.55 8.44
C ALA A 106 4.58 19.12 9.88
N TRP A 107 4.03 20.08 10.64
CA TRP A 107 3.61 19.88 12.02
C TRP A 107 2.11 19.98 12.20
N VAL A 108 1.51 18.92 12.76
CA VAL A 108 0.12 18.95 13.21
C VAL A 108 0.08 19.61 14.59
N THR A 109 -0.74 20.65 14.76
CA THR A 109 -0.83 21.35 16.05
C THR A 109 -2.24 21.36 16.68
N ARG A 110 -3.24 20.89 15.92
CA ARG A 110 -4.63 20.80 16.42
C ARG A 110 -5.50 19.72 15.78
N SER A 111 -6.49 19.26 16.52
CA SER A 111 -7.58 18.47 15.98
C SER A 111 -8.93 19.14 16.19
N GLY A 112 -9.51 19.62 15.09
CA GLY A 112 -10.68 20.47 15.17
C GLY A 112 -10.21 21.76 15.77
N LYS A 113 -10.97 22.28 16.73
CA LYS A 113 -10.53 23.44 17.48
C LYS A 113 -9.59 22.98 18.60
N THR A 114 -9.74 21.71 19.04
CA THR A 114 -9.02 21.13 20.18
C THR A 114 -7.52 21.04 19.88
N GLU A 115 -6.77 21.96 20.48
CA GLU A 115 -5.31 21.93 20.42
C GLU A 115 -4.72 20.68 21.10
N LEU A 116 -3.68 20.14 20.49
CA LEU A 116 -2.93 19.04 21.06
C LEU A 116 -1.96 19.58 22.11
N ALA A 117 -1.71 18.76 23.13
CA ALA A 117 -0.81 19.13 24.23
C ALA A 117 0.62 19.40 23.76
N GLU A 118 0.99 18.72 22.67
CA GLU A 118 2.33 18.73 22.12
C GLU A 118 2.25 18.56 20.58
N PRO A 119 2.76 19.56 19.80
CA PRO A 119 2.81 19.56 18.31
C PRO A 119 3.52 18.35 17.74
N ILE A 120 2.82 17.65 16.87
CA ILE A 120 3.21 16.37 16.37
C ILE A 120 3.60 16.49 14.88
N ALA A 121 4.72 15.87 14.50
CA ALA A 121 5.30 16.00 13.14
C ALA A 121 4.94 14.88 12.13
N ILE A 122 4.70 15.26 10.89
CA ILE A 122 4.51 14.26 9.82
C ILE A 122 5.88 13.79 9.28
N ARG A 123 6.11 12.48 9.24
CA ARG A 123 7.34 11.87 8.66
C ARG A 123 7.75 12.38 7.27
N PRO A 124 8.99 12.89 7.15
CA PRO A 124 9.60 13.14 5.84
C PRO A 124 10.47 11.94 5.40
N THR A 125 10.77 11.09 6.36
CA THR A 125 11.48 9.81 6.22
C THR A 125 11.34 9.20 7.65
N SER A 126 11.43 7.87 7.76
CA SER A 126 11.05 7.19 9.02
C SER A 126 12.18 6.77 9.96
N GLU A 127 13.40 7.17 9.64
CA GLU A 127 14.52 6.92 10.54
C GLU A 127 14.15 7.16 12.04
N THR A 128 13.65 8.34 12.37
CA THR A 128 13.47 8.69 13.77
C THR A 128 12.16 8.10 14.33
N VAL A 129 11.30 7.60 13.46
CA VAL A 129 10.13 6.81 13.87
C VAL A 129 10.51 5.37 14.25
N MET A 130 11.39 4.77 13.46
CA MET A 130 11.61 3.33 13.52
C MET A 130 12.68 2.92 14.53
N TYR A 131 13.68 3.79 14.71
CA TYR A 131 14.91 3.40 15.34
C TYR A 131 14.77 3.26 16.85
N PRO A 132 13.83 4.00 17.51
CA PRO A 132 13.63 3.67 18.95
C PRO A 132 13.01 2.28 19.13
N ALA A 133 12.21 1.84 18.17
CA ALA A 133 11.67 0.49 18.20
C ALA A 133 12.82 -0.52 17.98
N TYR A 134 13.71 -0.24 17.00
CA TYR A 134 14.92 -1.07 16.76
C TYR A 134 15.78 -1.27 18.03
N ALA A 135 16.01 -0.19 18.78
CA ALA A 135 16.73 -0.29 20.09
C ALA A 135 16.03 -1.22 21.05
N LYS A 136 14.70 -1.14 21.11
CA LYS A 136 13.87 -1.97 21.95
C LYS A 136 14.00 -3.42 21.50
N TRP A 137 14.14 -3.64 20.20
CA TRP A 137 14.13 -5.03 19.72
C TRP A 137 15.47 -5.71 19.82
N VAL A 138 16.56 -4.94 19.80
CA VAL A 138 17.93 -5.51 19.86
C VAL A 138 18.39 -5.64 21.32
N GLN A 139 18.34 -6.88 21.84
CA GLN A 139 18.83 -7.20 23.18
C GLN A 139 20.13 -7.98 23.15
N SER A 140 20.44 -8.62 22.03
CA SER A 140 21.74 -9.30 21.76
C SER A 140 21.99 -9.44 20.26
N HIS A 141 23.17 -9.96 19.88
CA HIS A 141 23.49 -10.15 18.45
C HIS A 141 22.62 -11.23 17.74
N ARG A 142 21.84 -12.01 18.49
CA ARG A 142 20.95 -12.96 17.84
C ARG A 142 19.67 -12.31 17.33
N ASP A 143 19.41 -11.08 17.78
CA ASP A 143 18.33 -10.24 17.27
C ASP A 143 18.74 -9.48 15.99
N LEU A 144 20.00 -9.60 15.58
CA LEU A 144 20.43 -9.03 14.30
C LEU A 144 20.63 -10.13 13.22
N PRO A 145 20.37 -9.83 11.95
CA PRO A 145 19.92 -8.51 11.45
C PRO A 145 18.40 -8.24 11.57
N ILE A 146 18.01 -6.96 11.59
CA ILE A 146 16.62 -6.52 11.42
C ILE A 146 16.61 -5.93 10.04
N LYS A 147 15.65 -6.38 9.23
CA LYS A 147 15.49 -5.92 7.84
C LYS A 147 14.01 -5.64 7.53
N LEU A 148 13.65 -4.37 7.51
CA LEU A 148 12.26 -3.99 7.40
C LEU A 148 12.06 -3.05 6.25
N ASN A 149 10.90 -3.17 5.61
CA ASN A 149 10.53 -2.26 4.55
C ASN A 149 9.10 -1.84 4.75
N GLN A 150 8.80 -0.61 4.31
CA GLN A 150 7.43 -0.14 4.18
C GLN A 150 7.15 0.65 2.89
N TRP A 151 5.98 0.37 2.30
CA TRP A 151 5.33 1.17 1.27
C TRP A 151 4.40 2.17 1.95
N CYS A 152 4.63 3.45 1.73
CA CYS A 152 3.84 4.47 2.44
C CYS A 152 4.06 5.83 1.79
N ASN A 153 3.42 6.85 2.33
CA ASN A 153 3.54 8.17 1.76
C ASN A 153 4.36 8.93 2.74
N VAL A 154 5.15 9.89 2.24
CA VAL A 154 5.92 10.81 3.09
C VAL A 154 5.70 12.22 2.61
N VAL A 155 6.05 13.21 3.44
CA VAL A 155 5.78 14.61 3.20
C VAL A 155 7.03 15.47 3.36
N ARG A 156 7.42 16.13 2.29
CA ARG A 156 8.50 17.13 2.36
C ARG A 156 7.98 18.45 1.85
N TRP A 157 7.63 19.32 2.78
CA TRP A 157 6.87 20.52 2.45
C TRP A 157 7.78 21.67 1.97
N GLU A 158 8.39 21.48 0.80
CA GLU A 158 9.34 22.44 0.19
C GLU A 158 8.58 23.47 -0.59
N PHE A 159 9.04 24.71 -0.52
CA PHE A 159 8.39 25.83 -1.23
C PHE A 159 8.88 26.02 -2.66
N LYS A 160 9.94 25.28 -3.03
CA LYS A 160 10.45 25.15 -4.39
C LYS A 160 9.36 24.80 -5.40
N HIS A 161 9.66 25.05 -6.68
CA HIS A 161 8.69 24.85 -7.77
C HIS A 161 8.33 23.36 -7.94
N PRO A 162 7.03 23.03 -7.77
CA PRO A 162 6.67 21.62 -7.80
C PRO A 162 6.46 21.12 -9.22
N GLN A 163 6.54 19.81 -9.43
CA GLN A 163 6.30 19.20 -10.73
C GLN A 163 5.81 17.82 -10.49
N PRO A 164 4.65 17.46 -11.08
CA PRO A 164 4.00 16.14 -10.88
C PRO A 164 4.98 15.03 -11.10
N PHE A 165 4.87 13.99 -10.27
CA PHE A 165 5.79 12.86 -10.16
C PHE A 165 7.22 13.22 -9.67
N LEU A 166 7.90 14.14 -10.37
CA LEU A 166 9.31 14.36 -10.16
C LEU A 166 9.60 15.03 -8.81
N ARG A 167 8.78 16.02 -8.48
CA ARG A 167 9.09 16.95 -7.40
C ARG A 167 7.78 17.37 -6.75
N THR A 168 7.39 16.67 -5.69
CA THR A 168 6.06 16.90 -5.10
C THR A 168 6.19 16.95 -3.60
N ARG A 169 5.20 17.51 -2.91
CA ARG A 169 5.29 17.66 -1.46
C ARG A 169 5.02 16.36 -0.72
N GLU A 170 4.01 15.61 -1.18
CA GLU A 170 3.73 14.28 -0.69
C GLU A 170 3.98 13.28 -1.83
N PHE A 171 4.68 12.19 -1.53
CA PHE A 171 4.83 11.17 -2.52
C PHE A 171 4.78 9.80 -1.88
N LEU A 172 4.42 8.82 -2.72
CA LEU A 172 4.55 7.41 -2.36
C LEU A 172 5.97 6.94 -2.59
N TRP A 173 6.40 6.06 -1.69
CA TRP A 173 7.67 5.37 -1.81
C TRP A 173 7.69 4.07 -1.08
N GLN A 174 8.80 3.35 -1.23
CA GLN A 174 9.20 2.36 -0.23
C GLN A 174 10.46 2.89 0.47
N GLU A 175 10.59 2.60 1.76
CA GLU A 175 11.78 2.88 2.54
C GLU A 175 12.16 1.59 3.25
N GLY A 176 13.39 1.12 3.03
CA GLY A 176 13.96 -0.08 3.65
C GLY A 176 14.99 0.36 4.65
N HIS A 177 14.99 -0.29 5.80
CA HIS A 177 15.83 0.07 6.92
C HIS A 177 16.34 -1.21 7.49
N SER A 178 17.64 -1.44 7.36
CA SER A 178 18.22 -2.64 7.96
C SER A 178 19.34 -2.32 8.94
N ALA A 179 19.44 -3.19 9.94
CA ALA A 179 20.40 -3.10 11.01
C ALA A 179 21.19 -4.43 11.08
N PHE A 180 22.52 -4.32 11.11
CA PHE A 180 23.43 -5.47 11.11
C PHE A 180 24.46 -5.37 12.25
N ALA A 181 25.07 -6.51 12.57
CA ALA A 181 26.11 -6.63 13.60
C ALA A 181 27.47 -6.20 13.06
N THR A 182 27.75 -6.48 11.80
CA THR A 182 29.04 -6.15 11.18
C THR A 182 28.89 -5.16 10.04
N MET A 183 29.95 -4.40 9.78
CA MET A 183 29.95 -3.44 8.69
C MET A 183 30.02 -4.13 7.32
N GLU A 184 30.66 -5.29 7.29
CA GLU A 184 30.75 -6.10 6.07
C GLU A 184 29.34 -6.44 5.54
N GLU A 185 28.44 -6.90 6.44
CA GLU A 185 27.07 -7.28 6.10
C GLU A 185 26.32 -6.07 5.51
N ALA A 186 26.48 -4.91 6.14
CA ALA A 186 25.72 -3.74 5.74
C ALA A 186 26.17 -3.17 4.38
N ALA A 187 27.48 -3.27 4.07
CA ALA A 187 28.03 -2.70 2.81
C ALA A 187 27.63 -3.56 1.63
N GLU A 188 27.55 -4.87 1.86
CA GLU A 188 27.04 -5.85 0.90
C GLU A 188 25.57 -5.48 0.48
N GLU A 189 24.73 -5.12 1.45
CA GLU A 189 23.34 -4.80 1.15
C GLU A 189 23.16 -3.47 0.39
N VAL A 190 23.90 -2.44 0.82
CA VAL A 190 23.89 -1.14 0.15
C VAL A 190 23.94 -1.31 -1.37
N LEU A 191 24.92 -2.06 -1.85
CA LEU A 191 25.07 -2.27 -3.30
C LEU A 191 24.05 -3.24 -3.90
N GLN A 192 23.64 -4.26 -3.15
CA GLN A 192 22.53 -5.12 -3.59
C GLN A 192 21.26 -4.32 -3.92
N ILE A 193 20.86 -3.42 -3.01
CA ILE A 193 19.69 -2.59 -3.19
C ILE A 193 19.87 -1.68 -4.40
N LEU A 194 21.05 -1.05 -4.50
CA LEU A 194 21.31 -0.18 -5.65
C LEU A 194 21.21 -0.93 -6.99
N ASP A 195 21.70 -2.16 -7.04
CA ASP A 195 21.54 -2.99 -8.22
C ASP A 195 20.08 -3.27 -8.59
N LEU A 196 19.24 -3.57 -7.60
CA LEU A 196 17.78 -3.64 -7.79
C LEU A 196 17.14 -2.34 -8.30
N TYR A 197 17.52 -1.20 -7.73
CA TYR A 197 17.13 0.11 -8.27
C TYR A 197 17.55 0.27 -9.75
N ALA A 198 18.79 -0.03 -10.07
CA ALA A 198 19.25 -0.07 -11.46
C ALA A 198 18.38 -0.98 -12.36
N GLN A 199 17.97 -2.14 -11.84
CA GLN A 199 17.09 -3.08 -12.56
C GLN A 199 15.69 -2.51 -12.82
N VAL A 200 15.13 -1.84 -11.83
CA VAL A 200 13.86 -1.13 -12.03
C VAL A 200 13.98 -0.16 -13.21
N TYR A 201 14.99 0.71 -13.19
CA TYR A 201 15.15 1.70 -14.26
C TYR A 201 15.47 1.07 -15.60
N GLU A 202 16.48 0.20 -15.63
CA GLU A 202 17.00 -0.37 -16.88
C GLU A 202 16.10 -1.50 -17.47
N GLU A 203 15.68 -2.45 -16.63
CA GLU A 203 14.88 -3.62 -17.07
C GLU A 203 13.39 -3.36 -17.08
N LEU A 204 12.89 -2.54 -16.17
CA LEU A 204 11.48 -2.27 -16.17
C LEU A 204 11.12 -1.04 -16.98
N LEU A 205 11.87 0.04 -16.83
CA LEU A 205 11.45 1.31 -17.42
C LEU A 205 12.19 1.64 -18.72
N ALA A 206 13.09 0.74 -19.13
CA ALA A 206 13.93 0.93 -20.29
C ALA A 206 14.64 2.30 -20.23
N ILE A 207 15.07 2.67 -19.03
CA ILE A 207 15.83 3.89 -18.81
C ILE A 207 17.22 3.52 -18.31
N PRO A 208 18.27 3.86 -19.08
CA PRO A 208 19.65 3.75 -18.62
C PRO A 208 19.95 4.66 -17.43
N VAL A 209 20.72 4.16 -16.47
CA VAL A 209 21.11 4.96 -15.30
C VAL A 209 22.58 4.82 -15.10
N VAL A 210 23.17 5.77 -14.37
CA VAL A 210 24.58 5.69 -14.00
C VAL A 210 24.66 5.51 -12.48
N LYS A 211 25.24 4.38 -12.05
CA LYS A 211 25.36 4.11 -10.64
C LYS A 211 26.53 4.91 -10.09
N GLY A 212 26.29 5.68 -9.04
CA GLY A 212 27.35 6.47 -8.42
C GLY A 212 27.28 6.60 -6.93
N ARG A 213 28.22 7.38 -6.40
CA ARG A 213 28.31 7.69 -5.00
C ARG A 213 28.12 9.20 -4.91
N LYS A 214 27.39 9.68 -3.90
CA LYS A 214 27.24 11.14 -3.74
C LYS A 214 28.54 11.79 -3.24
N THR A 215 28.64 13.11 -3.43
CA THR A 215 29.70 13.91 -2.81
C THR A 215 29.31 14.25 -1.35
N GLU A 216 30.26 14.79 -0.60
CA GLU A 216 30.11 15.35 0.76
C GLU A 216 28.93 16.31 0.96
N LYS A 217 28.73 17.20 -0.01
CA LYS A 217 27.66 18.20 0.05
C LYS A 217 26.29 17.55 -0.17
N GLU A 218 26.28 16.53 -1.05
CA GLU A 218 25.05 15.87 -1.50
C GLU A 218 24.71 14.53 -0.81
N LYS A 219 25.62 13.94 -0.04
CA LYS A 219 25.29 12.71 0.72
C LYS A 219 24.21 12.95 1.78
N PHE A 220 23.45 11.89 2.09
CA PHE A 220 22.47 11.90 3.15
C PHE A 220 23.06 12.37 4.48
N ALA A 221 22.37 13.32 5.11
CA ALA A 221 22.96 14.11 6.18
C ALA A 221 23.40 13.28 7.39
N GLY A 222 22.55 12.35 7.84
CA GLY A 222 22.97 11.53 8.97
C GLY A 222 24.10 10.51 8.75
N GLY A 223 24.28 10.05 7.51
CA GLY A 223 25.08 8.84 7.19
C GLY A 223 26.59 8.95 6.97
N ASP A 224 27.18 7.82 6.55
CA ASP A 224 28.57 7.74 6.15
C ASP A 224 28.74 7.98 4.64
N TYR A 225 28.11 7.13 3.83
CA TYR A 225 28.10 7.33 2.38
C TYR A 225 26.76 7.01 1.70
N THR A 226 26.44 7.73 0.64
CA THR A 226 25.22 7.54 -0.13
C THR A 226 25.56 7.06 -1.56
N THR A 227 24.99 5.89 -1.94
CA THR A 227 25.04 5.43 -3.33
C THR A 227 23.76 5.83 -3.99
N THR A 228 23.83 6.11 -5.28
CA THR A 228 22.69 6.66 -6.00
C THR A 228 22.63 6.19 -7.46
N ILE A 229 21.50 6.43 -8.08
CA ILE A 229 21.37 6.30 -9.53
C ILE A 229 20.89 7.62 -10.15
N GLU A 230 21.56 8.04 -11.23
CA GLU A 230 21.20 9.22 -12.01
C GLU A 230 20.71 8.80 -13.38
N ALA A 231 19.62 9.47 -13.79
CA ALA A 231 19.04 9.35 -15.12
C ALA A 231 19.12 10.70 -15.81
N PHE A 232 19.25 10.67 -17.13
CA PHE A 232 19.32 11.88 -17.90
C PHE A 232 18.02 12.12 -18.65
N ILE A 233 17.55 13.37 -18.63
CA ILE A 233 16.35 13.78 -19.36
C ILE A 233 16.76 14.79 -20.42
N SER A 234 16.81 14.30 -21.67
CA SER A 234 17.26 15.06 -22.85
C SER A 234 16.58 16.41 -23.02
N ALA A 235 15.25 16.37 -23.08
CA ALA A 235 14.39 17.50 -23.43
C ALA A 235 14.65 18.80 -22.66
N SER A 236 15.03 18.65 -21.38
CA SER A 236 15.34 19.76 -20.48
C SER A 236 16.83 19.99 -20.33
N GLY A 237 17.61 18.97 -20.70
CA GLY A 237 19.03 18.90 -20.44
C GLY A 237 19.44 18.72 -18.99
N ARG A 238 18.59 18.09 -18.19
CA ARG A 238 18.78 18.00 -16.75
C ARG A 238 18.86 16.53 -16.30
N ALA A 239 19.66 16.25 -15.27
CA ALA A 239 19.66 14.91 -14.71
C ALA A 239 18.80 14.88 -13.46
N ILE A 240 18.44 13.68 -13.00
CA ILE A 240 17.57 13.52 -11.84
C ILE A 240 17.93 12.26 -11.03
N GLN A 241 17.97 12.40 -9.70
CA GLN A 241 18.16 11.26 -8.79
C GLN A 241 16.99 10.25 -8.82
N GLY A 242 17.29 9.06 -9.30
CA GLY A 242 16.32 8.00 -9.51
C GLY A 242 15.93 7.20 -8.29
N GLY A 243 16.83 7.14 -7.30
CA GLY A 243 16.72 6.39 -6.04
C GLY A 243 18.03 6.45 -5.27
N THR A 244 18.05 5.96 -4.04
CA THR A 244 19.21 6.08 -3.15
C THR A 244 19.33 4.94 -2.19
N SER A 245 20.59 4.61 -1.87
CA SER A 245 20.92 3.58 -0.96
C SER A 245 22.06 4.07 -0.10
N HIS A 246 21.78 4.31 1.18
CA HIS A 246 22.75 4.89 2.13
C HIS A 246 23.26 3.87 3.10
N HIS A 247 24.56 3.92 3.35
CA HIS A 247 25.12 3.31 4.52
C HIS A 247 25.15 4.36 5.63
N LEU A 248 24.44 4.07 6.73
CA LEU A 248 24.32 5.03 7.82
C LEU A 248 25.40 4.81 8.90
N GLY A 249 26.18 3.74 8.75
CA GLY A 249 27.14 3.33 9.76
C GLY A 249 26.49 3.15 11.12
N GLN A 250 27.07 3.82 12.09
CA GLN A 250 26.66 3.73 13.49
C GLN A 250 26.17 5.09 14.00
N ASN A 251 26.18 6.08 13.10
CA ASN A 251 25.69 7.42 13.39
C ASN A 251 24.30 7.42 14.06
N PHE A 252 23.40 6.57 13.59
CA PHE A 252 22.06 6.53 14.19
C PHE A 252 21.97 5.66 15.42
N SER A 253 22.71 4.54 15.43
CA SER A 253 22.57 3.55 16.49
C SER A 253 23.15 4.08 17.77
N LYS A 254 24.16 4.95 17.64
CA LYS A 254 24.72 5.68 18.76
C LYS A 254 23.72 6.64 19.40
N MET A 255 22.95 7.34 18.58
CA MET A 255 21.97 8.34 19.04
C MET A 255 20.72 7.68 19.62
N PHE A 256 20.28 6.59 18.99
CA PHE A 256 19.10 5.86 19.43
C PHE A 256 19.36 4.65 20.32
N GLU A 257 20.62 4.37 20.64
CA GLU A 257 21.05 3.29 21.55
C GLU A 257 20.68 1.90 21.03
N ILE A 258 20.97 1.61 19.75
CA ILE A 258 20.80 0.25 19.19
C ILE A 258 22.06 -0.58 19.45
N VAL A 259 22.11 -1.22 20.62
CA VAL A 259 23.32 -1.83 21.17
C VAL A 259 23.17 -3.30 21.47
N PHE A 260 24.28 -4.01 21.37
CA PHE A 260 24.35 -5.42 21.77
C PHE A 260 25.73 -5.66 22.41
N GLU A 261 25.87 -6.80 23.07
CA GLU A 261 27.14 -7.21 23.69
C GLU A 261 27.73 -8.34 22.87
N ASP A 262 29.00 -8.64 23.08
CA ASP A 262 29.46 -9.97 22.70
C ASP A 262 30.01 -10.75 23.90
N PRO A 263 29.56 -12.02 24.11
CA PRO A 263 30.17 -12.93 25.12
C PRO A 263 31.67 -13.23 24.89
N LYS A 264 32.21 -12.70 23.79
CA LYS A 264 33.65 -12.75 23.48
C LYS A 264 34.45 -11.76 24.32
N ILE A 265 34.10 -10.48 24.22
CA ILE A 265 34.63 -9.45 25.13
C ILE A 265 33.46 -8.98 25.98
N PRO A 266 33.33 -9.53 27.20
CA PRO A 266 32.19 -9.26 28.10
C PRO A 266 32.19 -7.83 28.61
N GLY A 267 31.05 -7.16 28.44
CA GLY A 267 30.91 -5.79 28.91
C GLY A 267 31.12 -4.68 27.88
N GLU A 268 31.55 -5.02 26.66
CA GLU A 268 31.69 -4.00 25.60
C GLU A 268 30.49 -3.97 24.69
N LYS A 269 29.89 -2.80 24.57
CA LYS A 269 28.72 -2.59 23.71
C LYS A 269 29.18 -2.29 22.28
N GLN A 270 28.56 -2.97 21.32
CA GLN A 270 28.76 -2.65 19.91
C GLN A 270 27.47 -2.03 19.39
N PHE A 271 27.59 -0.92 18.67
CA PHE A 271 26.47 -0.26 18.04
C PHE A 271 26.23 -0.93 16.69
N ALA A 272 24.95 -1.02 16.30
CA ALA A 272 24.53 -1.66 15.07
C ALA A 272 24.95 -0.83 13.85
N TYR A 273 25.23 -1.51 12.75
CA TYR A 273 25.53 -0.81 11.49
C TYR A 273 24.22 -0.78 10.74
N GLN A 274 23.87 0.41 10.24
CA GLN A 274 22.58 0.64 9.58
C GLN A 274 22.63 1.14 8.12
N ASN A 275 21.68 0.66 7.32
CA ASN A 275 21.46 1.20 5.99
C ASN A 275 20.03 1.71 5.90
N SER A 276 19.79 2.63 4.97
CA SER A 276 18.45 2.97 4.54
C SER A 276 18.44 3.20 3.01
N TRP A 277 17.32 2.89 2.40
CA TRP A 277 17.20 2.96 0.94
C TRP A 277 15.75 3.28 0.51
N GLY A 278 15.60 4.23 -0.40
CA GLY A 278 14.29 4.61 -0.92
C GLY A 278 14.20 4.76 -2.44
N LEU A 279 12.99 4.50 -2.99
CA LEU A 279 12.62 4.71 -4.39
C LEU A 279 11.17 5.17 -4.41
N THR A 280 10.83 6.01 -5.38
CA THR A 280 9.54 6.68 -5.33
C THR A 280 8.83 6.65 -6.67
N THR A 281 7.63 7.19 -6.67
CA THR A 281 6.84 7.44 -7.87
C THR A 281 7.44 8.44 -8.87
N ARG A 282 8.52 9.13 -8.50
CA ARG A 282 9.36 9.84 -9.47
C ARG A 282 9.70 8.98 -10.71
N THR A 283 9.93 7.68 -10.47
CA THR A 283 10.08 6.66 -11.49
C THR A 283 9.13 6.86 -12.67
N ILE A 284 7.86 7.15 -12.38
CA ILE A 284 6.86 7.25 -13.44
C ILE A 284 7.07 8.51 -14.25
N GLY A 285 7.47 9.56 -13.57
CA GLY A 285 7.75 10.85 -14.23
C GLY A 285 9.01 10.76 -15.09
N VAL A 286 10.04 10.09 -14.57
CA VAL A 286 11.25 9.94 -15.36
C VAL A 286 10.93 9.19 -16.67
N MET A 287 10.09 8.14 -16.57
CA MET A 287 9.67 7.31 -17.69
C MET A 287 8.92 8.16 -18.72
N THR A 288 7.96 8.96 -18.23
CA THR A 288 7.26 9.94 -19.07
C THR A 288 8.25 10.90 -19.80
N MET A 289 9.11 11.58 -19.04
CA MET A 289 10.09 12.52 -19.59
C MET A 289 11.02 11.86 -20.64
N VAL A 290 11.42 10.60 -20.38
CA VAL A 290 12.40 9.95 -21.27
C VAL A 290 11.74 9.39 -22.55
N HIS A 291 10.62 8.69 -22.41
CA HIS A 291 9.99 8.00 -23.56
C HIS A 291 8.80 8.71 -24.22
N GLY A 292 8.30 9.78 -23.62
CA GLY A 292 7.14 10.49 -24.20
C GLY A 292 7.44 11.14 -25.55
N ASP A 293 6.41 11.24 -26.36
CA ASP A 293 6.51 11.92 -27.66
C ASP A 293 5.28 12.80 -27.87
N ASN A 294 5.19 13.46 -29.02
CA ASN A 294 4.07 14.38 -29.32
C ASN A 294 2.75 13.66 -29.65
N MET A 295 2.76 12.34 -29.55
CA MET A 295 1.52 11.57 -29.59
C MET A 295 1.08 11.13 -28.19
N GLY A 296 1.89 11.44 -27.18
CA GLY A 296 1.53 11.19 -25.81
C GLY A 296 2.55 10.33 -25.09
N LEU A 297 2.06 9.65 -24.07
CA LEU A 297 2.87 8.74 -23.27
C LEU A 297 3.36 7.57 -24.13
N VAL A 298 4.56 7.05 -23.84
CA VAL A 298 5.00 5.74 -24.40
C VAL A 298 5.36 4.81 -23.24
N LEU A 299 4.73 3.63 -23.22
CA LEU A 299 4.87 2.69 -22.12
C LEU A 299 5.81 1.56 -22.48
N PRO A 300 6.88 1.34 -21.66
CA PRO A 300 7.68 0.13 -21.83
C PRO A 300 6.81 -1.08 -21.45
N PRO A 301 6.65 -2.07 -22.38
CA PRO A 301 5.71 -3.20 -22.22
C PRO A 301 5.83 -3.92 -20.86
N ARG A 302 7.04 -3.92 -20.33
CA ARG A 302 7.39 -4.60 -19.11
C ARG A 302 6.58 -4.03 -17.89
N VAL A 303 6.25 -2.72 -17.91
CA VAL A 303 5.40 -2.11 -16.87
C VAL A 303 3.99 -1.75 -17.38
N ALA A 304 3.67 -2.09 -18.64
CA ALA A 304 2.36 -1.71 -19.22
C ALA A 304 1.27 -2.68 -18.77
N CYS A 305 0.24 -2.11 -18.13
CA CYS A 305 -0.91 -2.93 -17.66
C CYS A 305 -1.75 -3.42 -18.83
N VAL A 306 -1.81 -2.60 -19.89
CA VAL A 306 -2.27 -3.03 -21.20
C VAL A 306 -1.12 -3.06 -22.22
N GLN A 307 -0.72 -4.27 -22.61
CA GLN A 307 0.35 -4.44 -23.62
C GLN A 307 -0.16 -4.28 -25.05
N VAL A 308 -1.33 -4.87 -25.32
CA VAL A 308 -1.94 -4.84 -26.64
C VAL A 308 -3.38 -4.37 -26.48
N VAL A 309 -3.78 -3.38 -27.29
CA VAL A 309 -5.21 -3.03 -27.43
C VAL A 309 -5.76 -3.47 -28.80
N ILE A 310 -6.91 -4.16 -28.76
CA ILE A 310 -7.54 -4.64 -29.98
C ILE A 310 -8.73 -3.74 -30.26
N ILE A 311 -8.70 -3.12 -31.44
CA ILE A 311 -9.74 -2.22 -31.87
C ILE A 311 -10.36 -2.76 -33.16
N PRO A 312 -11.69 -2.98 -33.15
CA PRO A 312 -12.42 -3.33 -34.38
C PRO A 312 -12.52 -2.11 -35.29
N CYS A 313 -12.08 -2.24 -36.55
CA CYS A 313 -12.00 -1.10 -37.46
C CYS A 313 -13.01 -1.19 -38.59
N GLY A 314 -13.18 -0.08 -39.32
CA GLY A 314 -13.99 -0.01 -40.54
C GLY A 314 -15.50 -0.14 -40.39
N ILE A 315 -16.01 0.20 -39.20
CA ILE A 315 -17.44 0.08 -38.86
C ILE A 315 -18.30 1.27 -39.34
N LEU A 319 -23.32 -1.32 -43.25
CA LEU A 319 -22.62 -2.49 -42.62
C LEU A 319 -23.59 -3.42 -41.85
N SER A 320 -23.66 -4.68 -42.31
CA SER A 320 -24.58 -5.71 -41.78
C SER A 320 -24.18 -6.28 -40.42
N GLU A 321 -25.17 -6.45 -39.55
CA GLU A 321 -24.96 -6.84 -38.15
C GLU A 321 -24.23 -8.17 -37.97
N GLU A 322 -24.49 -9.12 -38.88
CA GLU A 322 -23.80 -10.41 -38.88
C GLU A 322 -22.30 -10.28 -39.16
N ASP A 323 -21.92 -9.40 -40.07
CA ASP A 323 -20.52 -9.12 -40.36
C ASP A 323 -19.90 -8.28 -39.26
N LYS A 324 -20.70 -7.33 -38.74
CA LYS A 324 -20.30 -6.43 -37.66
C LYS A 324 -20.02 -7.22 -36.38
N GLU A 325 -20.78 -8.28 -36.15
CA GLU A 325 -20.61 -9.14 -34.98
C GLU A 325 -19.55 -10.24 -35.15
N ALA A 326 -19.38 -10.73 -36.38
CA ALA A 326 -18.26 -11.59 -36.74
C ALA A 326 -16.91 -10.86 -36.59
N LEU A 327 -16.94 -9.54 -36.74
CA LEU A 327 -15.78 -8.67 -36.50
C LEU A 327 -15.48 -8.57 -34.99
N ILE A 328 -16.52 -8.40 -34.18
CA ILE A 328 -16.43 -8.49 -32.71
C ILE A 328 -15.90 -9.87 -32.29
N ALA A 329 -16.42 -10.92 -32.93
CA ALA A 329 -16.00 -12.31 -32.73
C ALA A 329 -14.52 -12.58 -33.02
N LYS A 330 -13.98 -11.90 -34.02
CA LYS A 330 -12.57 -12.02 -34.38
C LYS A 330 -11.64 -11.40 -33.33
N CYS A 331 -12.04 -10.25 -32.80
CA CYS A 331 -11.24 -9.58 -31.78
C CYS A 331 -11.13 -10.42 -30.50
N ASN A 332 -12.24 -11.08 -30.14
CA ASN A 332 -12.29 -11.93 -28.95
C ASN A 332 -11.43 -13.18 -29.07
N ASP A 333 -11.24 -13.68 -30.30
CA ASP A 333 -10.31 -14.79 -30.57
C ASP A 333 -8.88 -14.29 -30.44
N TYR A 334 -8.59 -13.16 -31.09
CA TYR A 334 -7.32 -12.45 -30.90
C TYR A 334 -7.02 -12.17 -29.41
N ARG A 335 -8.05 -11.82 -28.62
CA ARG A 335 -7.91 -11.60 -27.18
C ARG A 335 -7.49 -12.86 -26.44
N ARG A 336 -8.32 -13.89 -26.59
CA ARG A 336 -8.16 -15.15 -25.85
C ARG A 336 -6.83 -15.86 -26.17
N ARG A 337 -6.47 -15.88 -27.46
CA ARG A 337 -5.15 -16.36 -27.92
C ARG A 337 -3.94 -15.55 -27.41
N LEU A 338 -4.19 -14.30 -27.02
CA LEU A 338 -3.14 -13.43 -26.45
C LEU A 338 -3.01 -13.58 -24.93
N LEU A 339 -4.15 -13.63 -24.23
CA LEU A 339 -4.20 -14.02 -22.82
C LEU A 339 -3.47 -15.34 -22.57
N SER A 340 -3.65 -16.27 -23.49
CA SER A 340 -3.15 -17.65 -23.40
C SER A 340 -1.63 -17.76 -23.38
N VAL A 341 -0.95 -16.81 -24.03
CA VAL A 341 0.52 -16.69 -23.93
C VAL A 341 0.96 -15.57 -22.98
N ASN A 342 0.16 -15.37 -21.91
CA ASN A 342 0.43 -14.40 -20.80
C ASN A 342 0.87 -12.99 -21.24
N ILE A 343 0.21 -12.50 -22.29
CA ILE A 343 0.30 -11.12 -22.78
C ILE A 343 -0.88 -10.34 -22.14
N ARG A 344 -0.63 -9.09 -21.74
CA ARG A 344 -1.69 -8.26 -21.18
C ARG A 344 -2.42 -7.51 -22.27
N VAL A 345 -3.66 -7.89 -22.47
CA VAL A 345 -4.44 -7.43 -23.61
C VAL A 345 -5.76 -6.85 -23.14
N ARG A 346 -6.26 -5.93 -23.95
CA ARG A 346 -7.61 -5.41 -23.80
C ARG A 346 -8.24 -5.34 -25.19
N ALA A 347 -9.47 -5.82 -25.30
CA ALA A 347 -10.23 -5.64 -26.51
C ALA A 347 -11.20 -4.48 -26.27
N ASP A 348 -11.00 -3.39 -26.99
CA ASP A 348 -11.83 -2.18 -26.81
C ASP A 348 -12.98 -2.26 -27.79
N LEU A 349 -14.04 -2.91 -27.31
CA LEU A 349 -15.16 -3.31 -28.18
C LEU A 349 -16.42 -2.54 -27.86
N ARG A 350 -16.22 -1.37 -27.26
CA ARG A 350 -17.29 -0.41 -26.97
C ARG A 350 -17.81 0.18 -28.28
N ASP A 351 -19.13 0.10 -28.52
CA ASP A 351 -19.77 0.74 -29.68
C ASP A 351 -19.95 2.27 -29.51
N ASN A 352 -19.74 2.75 -28.29
CA ASN A 352 -19.84 4.16 -27.89
C ASN A 352 -18.90 5.10 -28.64
N TYR A 353 -17.67 4.64 -28.90
CA TYR A 353 -16.59 5.48 -29.43
C TYR A 353 -16.14 4.99 -30.78
N SER A 354 -15.90 5.92 -31.71
CA SER A 354 -15.42 5.56 -33.06
C SER A 354 -14.02 4.89 -33.08
N PRO A 355 -13.70 4.14 -34.16
CA PRO A 355 -12.35 3.57 -34.24
C PRO A 355 -11.26 4.62 -34.06
N GLY A 356 -11.37 5.75 -34.77
CA GLY A 356 -10.45 6.88 -34.61
C GLY A 356 -10.24 7.40 -33.18
N TRP A 357 -11.33 7.60 -32.44
CA TRP A 357 -11.26 7.96 -31.03
C TRP A 357 -10.46 6.94 -30.24
N LYS A 358 -10.68 5.65 -30.50
CA LYS A 358 -9.96 4.58 -29.81
C LYS A 358 -8.47 4.59 -30.08
N PHE A 359 -8.08 4.81 -31.35
CA PHE A 359 -6.67 4.97 -31.76
C PHE A 359 -6.02 6.03 -30.89
N ASN A 360 -6.52 7.26 -31.00
CA ASN A 360 -5.99 8.42 -30.28
C ASN A 360 -5.89 8.17 -28.77
N HIS A 361 -6.96 7.66 -28.17
CA HIS A 361 -7.06 7.44 -26.71
C HIS A 361 -5.97 6.43 -26.24
N TRP A 362 -5.80 5.32 -26.94
CA TRP A 362 -4.80 4.33 -26.52
C TRP A 362 -3.36 4.73 -26.87
N GLU A 363 -3.17 5.56 -27.90
CA GLU A 363 -1.85 6.19 -28.20
C GLU A 363 -1.44 7.19 -27.13
N LEU A 364 -2.37 8.05 -26.73
CA LEU A 364 -2.15 8.96 -25.59
C LEU A 364 -1.76 8.25 -24.27
N LYS A 365 -2.43 7.14 -23.97
CA LYS A 365 -2.14 6.31 -22.81
C LYS A 365 -0.88 5.44 -23.02
N GLY A 366 -0.35 5.49 -24.24
CA GLY A 366 0.95 4.89 -24.56
C GLY A 366 1.06 3.39 -24.66
N VAL A 367 -0.08 2.73 -24.86
CA VAL A 367 -0.12 1.29 -25.07
C VAL A 367 0.83 0.85 -26.19
N PRO A 368 1.67 -0.18 -25.92
CA PRO A 368 2.73 -0.63 -26.85
C PRO A 368 2.26 -1.10 -28.23
N ILE A 369 1.13 -1.80 -28.31
CA ILE A 369 0.65 -2.29 -29.62
C ILE A 369 -0.84 -2.07 -29.78
N ARG A 370 -1.20 -1.47 -30.92
CA ARG A 370 -2.58 -1.37 -31.37
C ARG A 370 -2.85 -2.49 -32.39
N LEU A 371 -3.79 -3.37 -32.04
CA LEU A 371 -4.18 -4.47 -32.90
C LEU A 371 -5.46 -4.09 -33.65
N GLU A 372 -5.28 -3.71 -34.92
CA GLU A 372 -6.36 -3.26 -35.82
C GLU A 372 -6.97 -4.43 -36.62
N VAL A 373 -8.24 -4.73 -36.33
CA VAL A 373 -8.99 -5.75 -37.08
C VAL A 373 -10.10 -5.06 -37.88
N GLY A 374 -9.87 -4.96 -39.19
CA GLY A 374 -10.88 -4.41 -40.10
C GLY A 374 -11.52 -5.49 -40.98
N PRO A 375 -12.78 -5.27 -41.43
CA PRO A 375 -13.57 -6.25 -42.22
C PRO A 375 -12.77 -6.89 -43.34
N ARG A 376 -12.07 -6.06 -44.11
CA ARG A 376 -11.31 -6.52 -45.28
C ARG A 376 -10.13 -7.42 -44.87
N ASP A 377 -9.30 -6.92 -43.94
CA ASP A 377 -8.15 -7.68 -43.41
C ASP A 377 -8.51 -8.95 -42.63
N MET A 378 -9.70 -8.97 -42.02
CA MET A 378 -10.24 -10.15 -41.32
C MET A 378 -10.55 -11.29 -42.30
N LYS A 379 -11.18 -10.95 -43.41
CA LYS A 379 -11.51 -11.90 -44.47
C LYS A 379 -10.27 -12.36 -45.23
N SER A 380 -9.23 -11.51 -45.28
CA SER A 380 -7.93 -11.85 -45.86
C SER A 380 -6.95 -12.51 -44.85
N CYS A 381 -7.55 -13.01 -43.75
CA CYS A 381 -6.87 -13.68 -42.62
C CYS A 381 -5.58 -13.02 -42.09
N GLN A 382 -5.68 -11.69 -41.92
CA GLN A 382 -4.59 -10.92 -41.34
C GLN A 382 -5.10 -9.92 -40.26
N PHE A 383 -4.20 -9.02 -39.87
CA PHE A 383 -4.49 -7.90 -38.98
C PHE A 383 -3.32 -6.92 -39.11
N VAL A 384 -3.52 -5.71 -38.58
CA VAL A 384 -2.45 -4.73 -38.48
C VAL A 384 -2.04 -4.55 -37.02
N ALA A 385 -0.73 -4.53 -36.81
CA ALA A 385 -0.15 -4.25 -35.53
C ALA A 385 0.61 -2.96 -35.70
N VAL A 386 0.28 -1.98 -34.84
CA VAL A 386 0.89 -0.65 -34.88
C VAL A 386 1.75 -0.50 -33.65
N ARG A 387 3.07 -0.42 -33.86
CA ARG A 387 4.06 -0.16 -32.81
C ARG A 387 4.00 1.29 -32.44
N ARG A 388 3.88 1.54 -31.14
CA ARG A 388 3.74 2.86 -30.56
C ARG A 388 5.04 3.68 -30.49
N ASP A 389 6.16 3.00 -30.33
CA ASP A 389 7.45 3.62 -30.09
C ASP A 389 8.05 4.32 -31.32
N THR A 390 7.92 3.69 -32.48
CA THR A 390 8.52 4.21 -33.71
C THR A 390 7.43 4.73 -34.65
N GLY A 391 6.19 4.32 -34.37
CA GLY A 391 5.02 4.63 -35.18
C GLY A 391 4.65 3.53 -36.16
N GLU A 392 5.63 2.74 -36.60
CA GLU A 392 5.43 1.87 -37.76
C GLU A 392 4.29 0.85 -37.64
N LYS A 393 3.66 0.60 -38.77
CA LYS A 393 2.49 -0.28 -38.90
C LYS A 393 2.90 -1.52 -39.70
N LEU A 394 2.61 -2.69 -39.15
CA LEU A 394 2.92 -3.93 -39.82
C LEU A 394 1.69 -4.75 -40.10
N THR A 395 1.47 -5.04 -41.39
CA THR A 395 0.48 -6.05 -41.79
C THR A 395 1.13 -7.38 -41.48
N VAL A 396 0.47 -8.12 -40.60
CA VAL A 396 0.98 -9.36 -40.07
C VAL A 396 -0.14 -10.37 -40.26
N ALA A 397 0.21 -11.49 -40.88
CA ALA A 397 -0.67 -12.67 -41.03
C ALA A 397 -1.20 -13.16 -39.68
N GLU A 398 -2.44 -13.66 -39.65
CA GLU A 398 -3.11 -14.07 -38.40
C GLU A 398 -2.49 -15.29 -37.75
N ASN A 399 -1.81 -16.12 -38.54
CA ASN A 399 -1.14 -17.29 -38.01
C ASN A 399 -0.03 -16.96 -36.99
N GLU A 400 0.74 -15.90 -37.28
CA GLU A 400 1.93 -15.53 -36.51
C GLU A 400 1.64 -14.57 -35.35
N ALA A 401 0.38 -14.46 -34.94
CA ALA A 401 -0.06 -13.46 -33.95
C ALA A 401 0.77 -13.50 -32.67
N GLU A 402 0.57 -14.53 -31.85
CA GLU A 402 1.25 -14.76 -30.57
C GLU A 402 2.77 -14.78 -30.66
N THR A 403 3.31 -15.23 -31.80
CA THR A 403 4.74 -15.15 -32.06
C THR A 403 5.13 -13.69 -32.27
N LYS A 404 4.67 -13.11 -33.38
CA LYS A 404 5.06 -11.76 -33.77
C LYS A 404 4.72 -10.73 -32.69
N LEU A 405 3.67 -10.99 -31.90
CA LEU A 405 3.27 -10.02 -30.90
C LEU A 405 4.14 -10.14 -29.65
N GLN A 406 4.45 -11.36 -29.21
CA GLN A 406 5.44 -11.54 -28.15
C GLN A 406 6.76 -10.97 -28.62
N ALA A 407 7.18 -11.36 -29.82
CA ALA A 407 8.38 -10.83 -30.45
C ALA A 407 8.41 -9.30 -30.54
N ILE A 408 7.28 -8.69 -30.92
CA ILE A 408 7.19 -7.21 -31.04
C ILE A 408 7.30 -6.50 -29.69
N LEU A 409 6.59 -7.00 -28.67
CA LEU A 409 6.68 -6.44 -27.30
C LEU A 409 8.13 -6.43 -26.84
N GLU A 410 8.83 -7.53 -27.14
CA GLU A 410 10.26 -7.67 -26.78
C GLU A 410 11.18 -6.72 -27.53
N ASP A 411 10.86 -6.42 -28.79
CA ASP A 411 11.63 -5.45 -29.59
C ASP A 411 11.42 -3.98 -29.15
N ILE A 412 10.17 -3.61 -28.86
CA ILE A 412 9.83 -2.29 -28.24
C ILE A 412 10.60 -2.04 -26.92
N GLN A 413 10.64 -3.04 -26.03
CA GLN A 413 11.39 -2.92 -24.75
C GLN A 413 12.87 -2.56 -24.98
N VAL A 414 13.51 -3.29 -25.90
CA VAL A 414 14.92 -3.08 -26.27
C VAL A 414 15.13 -1.72 -26.98
N THR A 415 14.28 -1.44 -27.97
CA THR A 415 14.33 -0.22 -28.77
C THR A 415 14.37 1.02 -27.88
N LEU A 416 13.35 1.21 -27.05
CA LEU A 416 13.31 2.30 -26.06
C LEU A 416 14.57 2.40 -25.19
N PHE A 417 15.05 1.25 -24.72
CA PHE A 417 16.31 1.21 -23.98
C PHE A 417 17.48 1.69 -24.85
N THR A 418 17.67 1.03 -26.01
CA THR A 418 18.74 1.37 -26.97
C THR A 418 18.68 2.87 -27.28
N ARG A 419 17.51 3.35 -27.69
CA ARG A 419 17.28 4.77 -27.98
C ARG A 419 17.70 5.69 -26.83
N ALA A 420 17.24 5.42 -25.62
CA ALA A 420 17.62 6.23 -24.47
C ALA A 420 19.08 6.00 -24.05
N SER A 421 19.59 4.80 -24.30
CA SER A 421 21.01 4.46 -24.08
C SER A 421 21.95 5.21 -25.03
N GLU A 422 21.55 5.30 -26.31
CA GLU A 422 22.33 6.05 -27.32
C GLU A 422 22.27 7.55 -27.04
N ASP A 423 21.19 7.99 -26.39
CA ASP A 423 21.04 9.40 -26.01
C ASP A 423 22.00 9.71 -24.91
N LEU A 424 22.05 8.82 -23.92
CA LEU A 424 22.97 8.94 -22.78
C LEU A 424 24.44 8.88 -23.24
N LYS A 425 24.75 7.91 -24.09
CA LYS A 425 26.11 7.74 -24.61
C LYS A 425 26.58 8.95 -25.46
N THR A 426 25.68 9.91 -25.72
CA THR A 426 25.87 11.09 -26.60
C THR A 426 25.72 12.45 -25.84
N HIS A 427 25.06 12.42 -24.68
CA HIS A 427 24.86 13.60 -23.82
C HIS A 427 25.65 13.58 -22.49
N MET A 428 26.30 12.44 -22.22
CA MET A 428 27.35 12.29 -21.19
C MET A 428 28.73 12.15 -21.86
N VAL A 429 29.60 13.12 -21.59
CA VAL A 429 30.94 13.20 -22.20
C VAL A 429 31.92 13.75 -21.17
N VAL A 430 33.21 13.73 -21.51
CA VAL A 430 34.27 14.15 -20.58
C VAL A 430 34.71 15.59 -20.91
N ALA A 431 34.84 16.43 -19.87
CA ALA A 431 35.47 17.75 -20.02
C ALA A 431 36.55 17.92 -18.98
N ASN A 432 37.77 18.21 -19.47
CA ASN A 432 38.98 18.21 -18.64
C ASN A 432 39.47 19.64 -18.18
N THR A 433 38.71 20.68 -18.73
CA THR A 433 38.92 22.09 -18.32
C THR A 433 37.59 22.75 -17.89
N MET A 434 37.68 23.80 -17.08
CA MET A 434 36.49 24.56 -16.65
C MET A 434 35.82 25.34 -17.80
N GLU A 435 36.61 25.84 -18.75
CA GLU A 435 36.04 26.57 -19.88
C GLU A 435 35.20 25.67 -20.80
N ASP A 436 35.74 24.51 -21.18
CA ASP A 436 35.04 23.58 -22.08
C ASP A 436 33.96 22.79 -21.35
N PHE A 437 33.98 22.86 -20.02
CA PHE A 437 32.86 22.39 -19.17
C PHE A 437 31.66 23.29 -19.43
N GLN A 438 31.91 24.60 -19.49
CA GLN A 438 30.83 25.57 -19.70
C GLN A 438 30.13 25.37 -21.04
N LYS A 439 30.93 25.28 -22.11
CA LYS A 439 30.46 25.10 -23.49
C LYS A 439 29.58 23.83 -23.66
N ILE A 440 30.15 22.65 -23.32
CA ILE A 440 29.42 21.38 -23.44
C ILE A 440 28.12 21.39 -22.59
N LEU A 441 28.19 21.97 -21.39
CA LEU A 441 27.03 22.11 -20.47
C LEU A 441 25.89 22.98 -21.06
N ASP A 442 26.25 23.96 -21.88
CA ASP A 442 25.25 24.87 -22.42
C ASP A 442 24.53 24.37 -23.66
N SER A 443 25.02 23.26 -24.21
CA SER A 443 24.31 22.49 -25.24
C SER A 443 23.37 21.38 -24.68
N GLY A 444 22.96 21.52 -23.42
CA GLY A 444 22.08 20.55 -22.74
C GLY A 444 22.75 19.18 -22.58
N LYS A 445 23.98 19.20 -22.06
CA LYS A 445 24.73 17.95 -21.81
C LYS A 445 25.11 17.81 -20.33
N ILE A 446 25.46 16.59 -19.95
CA ILE A 446 26.09 16.34 -18.64
C ILE A 446 27.51 15.84 -18.81
N VAL A 447 28.40 16.38 -17.99
CA VAL A 447 29.82 16.12 -18.17
C VAL A 447 30.45 15.45 -16.95
N GLN A 448 31.34 14.50 -17.23
CA GLN A 448 32.23 13.91 -16.22
C GLN A 448 33.52 14.74 -16.20
N ILE A 449 33.82 15.30 -15.02
CA ILE A 449 35.01 16.14 -14.85
C ILE A 449 35.99 15.56 -13.81
N PRO A 450 37.30 15.92 -13.89
CA PRO A 450 38.13 15.76 -12.69
C PRO A 450 37.68 16.74 -11.60
N PHE A 451 37.50 16.24 -10.36
CA PHE A 451 36.94 17.06 -9.27
C PHE A 451 37.58 16.71 -7.93
N CYS A 452 37.83 17.74 -7.12
CA CYS A 452 38.57 17.58 -5.86
C CYS A 452 37.76 16.99 -4.71
N GLY A 453 36.43 17.10 -4.80
CA GLY A 453 35.50 16.53 -3.81
C GLY A 453 35.08 17.47 -2.69
N GLU A 454 35.76 18.61 -2.59
CA GLU A 454 35.59 19.52 -1.46
C GLU A 454 34.29 20.34 -1.57
N ILE A 455 33.73 20.69 -0.42
CA ILE A 455 32.42 21.34 -0.27
C ILE A 455 32.28 22.70 -0.98
N ASP A 456 33.30 23.55 -0.87
CA ASP A 456 33.23 24.93 -1.38
C ASP A 456 33.56 25.04 -2.87
N CYS A 457 34.55 24.26 -3.31
CA CYS A 457 34.88 24.05 -4.73
C CYS A 457 33.64 23.49 -5.50
N GLU A 458 32.80 22.70 -4.81
CA GLU A 458 31.48 22.27 -5.32
C GLU A 458 30.46 23.43 -5.39
N ASP A 459 30.34 24.24 -4.32
CA ASP A 459 29.54 25.49 -4.35
C ASP A 459 30.01 26.46 -5.44
N TRP A 460 31.32 26.49 -5.66
CA TRP A 460 31.94 27.38 -6.66
C TRP A 460 31.57 26.94 -8.07
N ILE A 461 31.50 25.62 -8.30
CA ILE A 461 31.12 25.07 -9.60
C ILE A 461 29.70 25.51 -9.98
N LYS A 462 28.82 25.60 -8.98
CA LYS A 462 27.44 26.08 -9.17
C LYS A 462 27.33 27.59 -9.45
N LYS A 463 28.06 28.41 -8.66
CA LYS A 463 27.99 29.88 -8.78
C LYS A 463 28.43 30.35 -10.15
N THR A 464 29.57 29.83 -10.61
CA THR A 464 30.21 30.23 -11.87
C THR A 464 29.47 29.73 -13.12
N THR A 465 28.55 28.78 -12.93
CA THR A 465 27.91 28.15 -14.09
C THR A 465 26.43 28.60 -14.34
N ALA A 466 26.04 29.68 -13.64
CA ALA A 466 24.75 30.38 -13.85
C ALA A 466 24.92 31.69 -14.65
N MET A 478 19.41 27.47 -11.94
CA MET A 478 20.28 27.67 -13.15
C MET A 478 21.68 27.02 -13.06
N GLY A 479 22.25 26.94 -11.85
CA GLY A 479 23.57 26.33 -11.63
C GLY A 479 23.65 24.82 -11.89
N ALA A 480 24.84 24.33 -12.22
CA ALA A 480 25.08 22.89 -12.40
C ALA A 480 25.66 22.28 -11.12
N LYS A 481 25.00 21.24 -10.62
CA LYS A 481 25.41 20.57 -9.38
C LYS A 481 25.96 19.15 -9.61
N SER A 482 26.55 18.60 -8.56
CA SER A 482 27.14 17.26 -8.62
C SER A 482 25.99 16.26 -8.51
N LEU A 483 25.99 15.29 -9.42
CA LEU A 483 24.98 14.26 -9.45
C LEU A 483 25.49 13.01 -8.77
N CYS A 484 26.62 12.46 -9.24
CA CYS A 484 27.33 11.38 -8.55
C CYS A 484 28.79 11.23 -9.02
N ILE A 485 29.61 10.54 -8.20
CA ILE A 485 30.93 10.02 -8.60
C ILE A 485 30.74 8.59 -9.16
N PRO A 486 30.75 8.45 -10.50
CA PRO A 486 30.34 7.18 -11.13
C PRO A 486 31.20 5.97 -10.72
N PHE A 487 30.58 4.89 -10.27
CA PHE A 487 31.34 3.64 -9.98
C PHE A 487 32.39 3.35 -11.06
N LYS A 488 31.95 3.39 -12.33
CA LYS A 488 32.76 3.14 -13.52
C LYS A 488 32.80 4.37 -14.47
N PRO A 489 33.65 5.38 -14.16
CA PRO A 489 33.75 6.58 -15.01
C PRO A 489 34.19 6.27 -16.46
N LEU A 490 33.96 7.22 -17.37
CA LEU A 490 34.25 7.01 -18.80
C LEU A 490 35.74 6.81 -19.07
N CYS A 491 36.58 7.56 -18.35
CA CYS A 491 38.05 7.50 -18.51
C CYS A 491 38.81 7.34 -17.19
N GLU A 492 40.11 7.04 -17.32
CA GLU A 492 41.03 6.92 -16.19
C GLU A 492 41.72 8.28 -15.89
N LEU A 493 41.47 8.77 -14.67
CA LEU A 493 42.09 9.96 -14.10
C LEU A 493 43.62 9.79 -14.04
N GLN A 494 44.31 10.50 -14.95
CA GLN A 494 45.74 10.33 -15.21
C GLN A 494 46.68 10.87 -14.10
N PRO A 495 47.91 10.28 -13.96
CA PRO A 495 48.96 10.69 -13.00
C PRO A 495 48.94 12.14 -12.48
N GLY A 496 48.46 12.30 -11.23
CA GLY A 496 48.35 13.61 -10.56
C GLY A 496 47.58 14.66 -11.34
N ALA A 497 46.37 14.32 -11.79
CA ALA A 497 45.48 15.28 -12.48
C ALA A 497 44.97 16.37 -11.54
N LYS A 498 44.91 17.60 -12.05
CA LYS A 498 44.33 18.73 -11.34
C LYS A 498 42.81 18.81 -11.58
N CYS A 499 42.11 19.51 -10.69
CA CYS A 499 40.66 19.75 -10.81
C CYS A 499 40.36 21.01 -11.60
N VAL A 500 39.06 21.24 -11.76
CA VAL A 500 38.45 22.41 -12.38
C VAL A 500 38.63 23.70 -11.53
N CYS A 501 38.95 23.55 -10.23
CA CYS A 501 39.19 24.68 -9.31
C CYS A 501 40.36 25.62 -9.74
N ASN A 504 43.99 22.45 -4.92
CA ASN A 504 43.08 21.28 -5.03
C ASN A 504 43.38 20.43 -6.30
N PRO A 505 43.89 19.17 -6.11
CA PRO A 505 44.00 18.14 -7.16
C PRO A 505 42.81 17.17 -7.22
N ALA A 506 42.66 16.54 -8.39
CA ALA A 506 41.49 15.73 -8.69
C ALA A 506 41.50 14.41 -7.93
N LYS A 507 40.46 14.23 -7.11
CA LYS A 507 40.26 13.04 -6.28
C LYS A 507 39.55 11.93 -7.06
N TYR A 508 38.66 12.31 -7.98
CA TYR A 508 37.83 11.40 -8.80
C TYR A 508 37.17 12.15 -9.96
N TYR A 509 36.92 11.44 -11.05
CA TYR A 509 35.99 11.93 -12.07
C TYR A 509 34.60 12.10 -11.41
N THR A 510 33.92 13.20 -11.72
CA THR A 510 32.57 13.46 -11.18
C THR A 510 31.56 13.87 -12.27
N LEU A 511 30.40 13.18 -12.28
CA LEU A 511 29.24 13.55 -13.13
C LEU A 511 28.49 14.77 -12.57
N PHE A 512 28.52 15.83 -13.36
CA PHE A 512 27.97 17.14 -13.01
C PHE A 512 26.91 17.55 -14.05
N GLY A 513 25.87 18.26 -13.61
CA GLY A 513 24.83 18.77 -14.53
C GLY A 513 23.83 19.75 -13.93
N ARG A 514 23.03 20.38 -14.81
CA ARG A 514 21.78 21.06 -14.41
C ARG A 514 20.76 20.04 -13.85
N SER A 515 20.10 20.37 -12.74
CA SER A 515 19.37 19.29 -12.02
C SER A 515 17.95 19.53 -11.49
N TYR A 516 17.15 18.44 -11.48
CA TYR A 516 15.82 18.42 -10.85
C TYR A 516 15.92 18.23 -9.34
N LEU B 20 3.82 -15.69 28.57
CA LEU B 20 2.46 -15.12 28.79
C LEU B 20 1.85 -15.61 30.11
N GLU B 21 1.78 -14.71 31.09
CA GLU B 21 1.17 -15.00 32.39
C GLU B 21 -0.34 -14.76 32.33
N ALA B 22 -0.72 -13.55 31.89
CA ALA B 22 -2.09 -13.04 31.96
C ALA B 22 -3.13 -13.93 31.29
N LYS B 23 -4.34 -13.92 31.84
CA LYS B 23 -5.42 -14.78 31.38
C LYS B 23 -6.58 -13.95 30.82
N LYS B 24 -7.17 -14.46 29.75
CA LYS B 24 -8.23 -13.78 29.01
C LYS B 24 -9.51 -13.61 29.84
N GLU B 25 -9.93 -14.69 30.50
CA GLU B 25 -11.16 -14.75 31.32
C GLU B 25 -11.28 -13.70 32.42
N GLU B 26 -10.16 -13.36 33.06
CA GLU B 26 -10.12 -12.33 34.12
C GLU B 26 -9.90 -10.91 33.57
N ASN B 27 -8.64 -10.51 33.41
CA ASN B 27 -8.26 -9.20 32.86
C ASN B 27 -8.00 -9.32 31.35
N LEU B 28 -8.83 -8.62 30.56
CA LEU B 28 -8.74 -8.65 29.09
C LEU B 28 -7.71 -7.66 28.53
N ALA B 29 -7.69 -6.44 29.07
CA ALA B 29 -6.80 -5.38 28.61
C ALA B 29 -5.33 -5.74 28.75
N ASP B 30 -4.98 -6.32 29.89
CA ASP B 30 -3.63 -6.82 30.16
C ASP B 30 -3.28 -8.02 29.28
N TRP B 31 -4.26 -8.89 29.05
CA TRP B 31 -4.09 -10.06 28.19
C TRP B 31 -3.80 -9.66 26.75
N TYR B 32 -4.64 -8.76 26.21
CA TYR B 32 -4.52 -8.23 24.86
C TYR B 32 -3.14 -7.64 24.63
N SER B 33 -2.72 -6.75 25.52
CA SER B 33 -1.44 -6.05 25.46
C SER B 33 -0.24 -6.99 25.50
N GLN B 34 -0.41 -8.13 26.16
CA GLN B 34 0.65 -9.10 26.28
C GLN B 34 0.67 -9.99 25.03
N VAL B 35 -0.52 -10.44 24.61
CA VAL B 35 -0.70 -11.25 23.39
C VAL B 35 -0.20 -10.54 22.11
N ILE B 36 -0.54 -9.28 21.93
CA ILE B 36 -0.14 -8.52 20.73
C ILE B 36 1.37 -8.26 20.63
N THR B 37 2.02 -8.06 21.78
CA THR B 37 3.48 -7.79 21.84
C THR B 37 4.35 -9.02 21.83
N LYS B 38 3.87 -10.10 22.46
CA LYS B 38 4.63 -11.35 22.55
C LYS B 38 4.47 -12.18 21.27
N SER B 39 3.41 -11.90 20.52
CA SER B 39 3.23 -12.50 19.21
C SER B 39 4.05 -11.75 18.15
N GLU B 40 4.60 -10.59 18.55
CA GLU B 40 5.40 -9.70 17.69
C GLU B 40 4.54 -9.06 16.60
N MET B 41 3.27 -8.83 16.90
CA MET B 41 2.37 -8.13 15.99
C MET B 41 2.47 -6.62 16.14
N ILE B 42 2.65 -6.16 17.38
CA ILE B 42 2.52 -4.75 17.76
C ILE B 42 3.68 -4.26 18.62
N GLU B 43 4.22 -3.10 18.27
CA GLU B 43 5.04 -2.33 19.16
C GLU B 43 4.34 -1.00 19.45
N TYR B 44 4.57 -0.48 20.65
CA TYR B 44 4.09 0.83 21.08
C TYR B 44 4.94 2.00 20.59
N HIS B 45 4.27 3.10 20.29
CA HIS B 45 4.90 4.34 19.84
C HIS B 45 4.72 5.37 20.96
N ASP B 46 5.57 6.41 20.96
CA ASP B 46 5.48 7.44 22.00
C ASP B 46 4.24 8.36 21.89
N ILE B 47 3.73 8.54 20.66
CA ILE B 47 2.41 9.17 20.44
C ILE B 47 1.30 8.15 20.76
N SER B 48 0.39 8.54 21.66
CA SER B 48 -0.77 7.75 22.02
C SER B 48 -1.69 7.52 20.82
N GLY B 49 -2.37 6.38 20.84
CA GLY B 49 -3.33 6.02 19.79
C GLY B 49 -2.70 5.57 18.49
N CYS B 50 -1.37 5.51 18.47
CA CYS B 50 -0.57 5.12 17.31
C CYS B 50 0.26 3.90 17.64
N TYR B 51 0.22 2.92 16.74
CA TYR B 51 0.89 1.65 16.97
C TYR B 51 1.66 1.21 15.75
N ILE B 52 2.75 0.50 16.00
CA ILE B 52 3.60 -0.07 14.96
C ILE B 52 3.01 -1.43 14.59
N LEU B 53 2.74 -1.63 13.29
CA LEU B 53 2.38 -2.95 12.78
C LEU B 53 3.64 -3.66 12.32
N ARG B 54 4.03 -4.68 13.07
CA ARG B 54 5.23 -5.46 12.78
C ARG B 54 4.92 -6.51 11.70
N PRO B 55 5.96 -7.15 11.11
CA PRO B 55 5.75 -8.15 10.03
C PRO B 55 4.68 -9.19 10.32
N TRP B 56 4.64 -9.74 11.52
CA TRP B 56 3.64 -10.77 11.84
C TRP B 56 2.18 -10.28 11.69
N ALA B 57 1.92 -9.03 12.04
CA ALA B 57 0.59 -8.41 11.86
C ALA B 57 0.38 -7.98 10.40
N TYR B 58 1.40 -7.35 9.81
CA TYR B 58 1.23 -6.74 8.50
C TYR B 58 0.90 -7.86 7.48
N ALA B 59 1.44 -9.05 7.68
CA ALA B 59 1.20 -10.20 6.78
C ALA B 59 -0.28 -10.62 6.75
N ILE B 60 -0.95 -10.49 7.90
CA ILE B 60 -2.40 -10.73 7.99
C ILE B 60 -3.15 -9.74 7.11
N TRP B 61 -2.88 -8.45 7.31
CA TRP B 61 -3.44 -7.39 6.46
C TRP B 61 -3.19 -7.64 4.93
N GLU B 62 -1.97 -8.05 4.60
CA GLU B 62 -1.59 -8.41 3.23
C GLU B 62 -2.45 -9.54 2.63
N ALA B 63 -2.82 -10.53 3.46
CA ALA B 63 -3.71 -11.60 3.03
C ALA B 63 -5.15 -11.10 2.85
N ILE B 64 -5.56 -10.13 3.69
CA ILE B 64 -6.92 -9.56 3.60
C ILE B 64 -7.02 -8.81 2.27
N LYS B 65 -5.97 -8.05 1.99
CA LYS B 65 -5.76 -7.28 0.76
C LYS B 65 -5.71 -8.15 -0.49
N ASP B 66 -4.97 -9.25 -0.47
CA ASP B 66 -4.85 -10.11 -1.66
C ASP B 66 -6.22 -10.59 -2.08
N PHE B 67 -7.05 -10.93 -1.10
CA PHE B 67 -8.41 -11.40 -1.35
C PHE B 67 -9.37 -10.30 -1.78
N PHE B 68 -9.48 -9.24 -0.98
CA PHE B 68 -10.37 -8.11 -1.27
C PHE B 68 -10.08 -7.45 -2.62
N ASP B 69 -8.81 -7.23 -2.91
CA ASP B 69 -8.36 -6.62 -4.16
C ASP B 69 -8.82 -7.44 -5.32
N ALA B 70 -8.52 -8.74 -5.31
CA ALA B 70 -8.94 -9.60 -6.42
C ALA B 70 -10.45 -9.55 -6.61
N GLU B 71 -11.20 -9.45 -5.51
CA GLU B 71 -12.66 -9.52 -5.59
C GLU B 71 -13.27 -8.24 -6.15
N ILE B 72 -12.79 -7.07 -5.73
CA ILE B 72 -13.35 -5.79 -6.24
C ILE B 72 -12.96 -5.49 -7.70
N LYS B 73 -11.79 -6.00 -8.10
CA LYS B 73 -11.35 -6.00 -9.50
C LYS B 73 -12.36 -6.68 -10.44
N LYS B 74 -12.94 -7.80 -10.01
CA LYS B 74 -14.01 -8.47 -10.78
C LYS B 74 -15.28 -7.61 -10.92
N LEU B 75 -15.59 -6.86 -9.88
CA LEU B 75 -16.67 -5.87 -9.92
C LEU B 75 -16.35 -4.62 -10.73
N GLY B 76 -15.11 -4.49 -11.20
CA GLY B 76 -14.71 -3.39 -12.08
C GLY B 76 -14.08 -2.17 -11.40
N VAL B 77 -13.78 -2.29 -10.10
CA VAL B 77 -13.09 -1.23 -9.37
C VAL B 77 -11.58 -1.18 -9.72
N GLU B 78 -11.02 0.03 -9.77
CA GLU B 78 -9.59 0.23 -10.01
C GLU B 78 -8.86 0.95 -8.88
N ASN B 79 -7.61 0.57 -8.67
CA ASN B 79 -6.83 1.12 -7.59
C ASN B 79 -6.21 2.47 -7.97
N CYS B 80 -6.12 3.38 -7.00
CA CYS B 80 -5.55 4.71 -7.26
C CYS B 80 -4.99 5.28 -5.96
N TYR B 81 -4.45 6.50 -6.00
CA TYR B 81 -3.98 7.17 -4.78
C TYR B 81 -4.24 8.67 -4.83
N PHE B 82 -5.04 9.17 -3.88
CA PHE B 82 -5.36 10.59 -3.78
C PHE B 82 -4.56 11.18 -2.62
N PRO B 83 -4.21 12.50 -2.67
CA PRO B 83 -3.51 13.15 -1.58
C PRO B 83 -4.18 13.01 -0.21
N MET B 84 -3.35 13.05 0.82
CA MET B 84 -3.74 12.92 2.22
C MET B 84 -4.21 14.28 2.81
N PHE B 85 -3.97 15.34 2.06
CA PHE B 85 -4.31 16.66 2.51
C PHE B 85 -5.56 17.24 1.88
N VAL B 86 -6.44 17.80 2.72
CA VAL B 86 -7.65 18.52 2.26
C VAL B 86 -7.51 20.01 2.56
N SER B 87 -7.94 20.84 1.61
CA SER B 87 -7.91 22.29 1.76
C SER B 87 -9.05 22.75 2.70
N GLN B 88 -8.84 23.85 3.43
CA GLN B 88 -9.92 24.41 4.24
C GLN B 88 -11.14 24.68 3.37
N SER B 89 -10.94 25.28 2.21
CA SER B 89 -12.01 25.50 1.24
C SER B 89 -12.80 24.24 0.83
N ALA B 90 -12.14 23.17 0.39
CA ALA B 90 -12.87 21.95 0.01
C ALA B 90 -13.72 21.39 1.17
N LEU B 91 -13.14 21.50 2.36
CA LEU B 91 -13.72 20.99 3.61
C LEU B 91 -14.87 21.86 4.10
N GLU B 92 -14.55 23.01 4.72
CA GLU B 92 -15.59 23.92 5.25
C GLU B 92 -16.36 24.72 4.15
N LYS B 93 -16.55 24.05 3.01
CA LYS B 93 -17.43 24.47 1.92
C LYS B 93 -18.76 23.76 2.15
N GLU B 94 -18.70 22.44 2.36
CA GLU B 94 -19.88 21.56 2.46
C GLU B 94 -20.20 21.17 3.92
N LYS B 95 -21.48 21.09 4.24
CA LYS B 95 -21.96 20.87 5.60
C LYS B 95 -22.31 19.40 5.87
N THR B 96 -22.91 19.15 7.04
CA THR B 96 -23.35 17.82 7.54
C THR B 96 -22.21 16.83 7.76
N HIS B 97 -21.64 16.31 6.66
CA HIS B 97 -20.50 15.37 6.68
C HIS B 97 -19.28 15.95 7.41
N VAL B 98 -18.84 17.11 6.90
CA VAL B 98 -17.77 17.89 7.48
C VAL B 98 -18.11 18.29 8.91
N ALA B 99 -19.40 18.55 9.21
CA ALA B 99 -19.86 18.83 10.58
C ALA B 99 -19.60 17.69 11.57
N ASP B 100 -19.74 16.44 11.11
CA ASP B 100 -19.55 15.27 11.98
C ASP B 100 -18.06 14.93 12.23
N PHE B 101 -17.24 15.01 11.18
CA PHE B 101 -15.81 14.74 11.28
C PHE B 101 -14.94 15.84 11.88
N ALA B 102 -15.38 17.09 11.70
CA ALA B 102 -14.63 18.29 12.10
C ALA B 102 -13.82 18.19 13.40
N PRO B 103 -14.44 17.75 14.56
CA PRO B 103 -13.71 17.63 15.84
C PRO B 103 -12.49 16.73 15.85
N GLU B 104 -12.52 15.65 15.08
CA GLU B 104 -11.46 14.63 15.04
C GLU B 104 -10.50 14.75 13.82
N VAL B 105 -10.53 15.90 13.14
CA VAL B 105 -9.65 16.21 11.99
C VAL B 105 -8.36 16.91 12.48
N ALA B 106 -7.23 16.25 12.21
CA ALA B 106 -5.89 16.73 12.51
C ALA B 106 -5.50 17.78 11.49
N TRP B 107 -5.17 18.96 11.99
CA TRP B 107 -4.79 20.06 11.13
C TRP B 107 -3.29 20.31 11.19
N VAL B 108 -2.70 20.56 10.01
CA VAL B 108 -1.28 20.92 9.82
C VAL B 108 -1.20 22.44 9.70
N THR B 109 -0.41 23.09 10.56
CA THR B 109 -0.44 24.56 10.56
C THR B 109 0.90 25.26 10.35
N ARG B 110 1.95 24.46 10.14
CA ARG B 110 3.32 25.01 9.88
C ARG B 110 4.25 23.98 9.27
N SER B 111 5.15 24.45 8.40
CA SER B 111 6.33 23.70 8.00
C SER B 111 7.56 24.32 8.66
N GLY B 112 8.29 23.46 9.38
CA GLY B 112 9.44 23.85 10.16
C GLY B 112 8.97 24.94 11.08
N LYS B 113 9.62 26.10 10.95
CA LYS B 113 9.34 27.23 11.80
C LYS B 113 8.34 28.17 11.10
N THR B 114 8.17 27.97 9.80
CA THR B 114 7.29 28.80 8.98
C THR B 114 5.81 28.36 9.02
N GLU B 115 5.00 29.17 9.72
CA GLU B 115 3.53 29.07 9.74
C GLU B 115 2.99 29.11 8.31
N LEU B 116 2.10 28.16 7.99
CA LEU B 116 1.43 28.17 6.71
C LEU B 116 0.39 29.28 6.70
N ALA B 117 0.25 29.93 5.55
CA ALA B 117 -0.74 30.97 5.37
C ALA B 117 -2.16 30.42 5.50
N GLU B 118 -2.34 29.19 5.01
CA GLU B 118 -3.58 28.45 5.06
C GLU B 118 -3.39 27.05 5.71
N PRO B 119 -4.09 26.79 6.84
CA PRO B 119 -4.04 25.45 7.44
C PRO B 119 -4.60 24.33 6.53
N ILE B 120 -3.92 23.19 6.49
CA ILE B 120 -4.31 22.07 5.65
C ILE B 120 -4.61 20.85 6.55
N ALA B 121 -5.65 20.10 6.20
CA ALA B 121 -6.14 19.01 7.03
C ALA B 121 -5.67 17.65 6.58
N ILE B 122 -5.50 16.76 7.54
CA ILE B 122 -5.23 15.41 7.18
C ILE B 122 -6.58 14.69 7.01
N ARG B 123 -6.70 14.02 5.88
CA ARG B 123 -7.73 13.06 5.58
C ARG B 123 -8.25 12.28 6.83
N PRO B 124 -9.54 12.45 7.21
CA PRO B 124 -10.23 11.43 8.01
C PRO B 124 -10.97 10.33 7.17
N THR B 125 -11.25 10.67 5.91
CA THR B 125 -11.91 9.85 4.92
C THR B 125 -11.76 10.73 3.67
N SER B 126 -11.89 10.18 2.47
CA SER B 126 -11.46 10.94 1.26
C SER B 126 -12.55 11.54 0.36
N GLU B 127 -13.80 11.55 0.84
CA GLU B 127 -14.92 12.16 0.09
C GLU B 127 -14.54 13.54 -0.40
N THR B 128 -14.15 14.39 0.54
CA THR B 128 -13.90 15.81 0.26
C THR B 128 -12.64 16.01 -0.63
N VAL B 129 -11.75 15.03 -0.64
CA VAL B 129 -10.58 14.99 -1.52
C VAL B 129 -10.95 14.51 -2.95
N MET B 130 -11.82 13.49 -3.05
CA MET B 130 -12.06 12.78 -4.34
C MET B 130 -13.08 13.45 -5.26
N TYR B 131 -14.12 14.01 -4.65
CA TYR B 131 -15.34 14.33 -5.38
C TYR B 131 -15.19 15.57 -6.26
N PRO B 132 -14.38 16.57 -5.83
CA PRO B 132 -14.09 17.61 -6.82
C PRO B 132 -13.35 17.05 -8.04
N ALA B 133 -12.54 16.00 -7.88
CA ALA B 133 -11.92 15.35 -9.06
C ALA B 133 -12.98 14.61 -9.88
N TYR B 134 -13.95 13.95 -9.21
CA TYR B 134 -15.05 13.25 -9.90
C TYR B 134 -15.89 14.24 -10.71
N ALA B 135 -16.09 15.43 -10.14
CA ALA B 135 -16.89 16.46 -10.81
C ALA B 135 -16.20 16.90 -12.10
N LYS B 136 -14.86 16.93 -12.10
CA LYS B 136 -14.09 17.25 -13.30
C LYS B 136 -14.17 16.16 -14.37
N TRP B 137 -14.27 14.90 -13.97
CA TRP B 137 -14.16 13.79 -14.90
C TRP B 137 -15.50 13.38 -15.48
N VAL B 138 -16.58 13.87 -14.89
CA VAL B 138 -17.95 13.54 -15.34
C VAL B 138 -18.54 14.67 -16.21
N GLN B 139 -18.72 14.39 -17.49
CA GLN B 139 -19.14 15.37 -18.49
C GLN B 139 -20.21 14.85 -19.41
N SER B 140 -20.70 13.63 -19.14
CA SER B 140 -21.71 12.90 -19.95
C SER B 140 -21.93 11.51 -19.35
N HIS B 141 -22.98 10.83 -19.81
CA HIS B 141 -23.34 9.51 -19.28
C HIS B 141 -22.24 8.46 -19.49
N ARG B 142 -21.37 8.63 -20.49
CA ARG B 142 -20.33 7.64 -20.80
C ARG B 142 -19.05 7.75 -19.95
N ASP B 143 -18.97 8.79 -19.11
CA ASP B 143 -17.96 8.88 -18.05
C ASP B 143 -18.37 8.13 -16.79
N LEU B 144 -19.57 7.57 -16.76
CA LEU B 144 -19.98 6.77 -15.62
C LEU B 144 -20.10 5.32 -16.07
N PRO B 145 -19.91 4.37 -15.14
CA PRO B 145 -19.53 4.68 -13.74
C PRO B 145 -18.04 4.96 -13.49
N ILE B 146 -17.78 5.68 -12.39
CA ILE B 146 -16.44 5.88 -11.84
C ILE B 146 -16.39 4.97 -10.63
N LYS B 147 -15.46 4.01 -10.62
CA LYS B 147 -15.28 3.05 -9.54
C LYS B 147 -13.81 2.98 -9.04
N LEU B 148 -13.52 3.71 -7.97
CA LEU B 148 -12.13 3.86 -7.51
C LEU B 148 -11.93 3.35 -6.09
N ASN B 149 -10.78 2.74 -5.84
CA ASN B 149 -10.44 2.29 -4.51
C ASN B 149 -9.03 2.73 -4.18
N GLN B 150 -8.77 2.97 -2.89
CA GLN B 150 -7.39 3.15 -2.44
C GLN B 150 -7.08 2.49 -1.12
N TRP B 151 -5.86 1.94 -1.05
CA TRP B 151 -5.24 1.43 0.16
C TRP B 151 -4.39 2.55 0.72
N CYS B 152 -4.76 3.04 1.90
CA CYS B 152 -4.06 4.16 2.47
C CYS B 152 -4.26 4.25 3.97
N ASN B 153 -3.59 5.24 4.56
CA ASN B 153 -3.71 5.61 5.98
C ASN B 153 -4.68 6.77 6.16
N VAL B 154 -5.36 6.78 7.28
CA VAL B 154 -6.35 7.77 7.54
C VAL B 154 -6.21 8.15 9.02
N VAL B 155 -6.65 9.35 9.38
CA VAL B 155 -6.44 9.87 10.71
C VAL B 155 -7.70 10.49 11.31
N ARG B 156 -8.12 9.94 12.45
CA ARG B 156 -9.27 10.45 13.19
C ARG B 156 -8.81 10.68 14.63
N TRP B 157 -8.43 11.92 14.91
CA TRP B 157 -7.69 12.25 16.10
C TRP B 157 -8.62 12.47 17.35
N GLU B 158 -9.38 11.41 17.63
CA GLU B 158 -10.26 11.26 18.77
C GLU B 158 -9.47 11.00 20.06
N PHE B 159 -10.11 11.23 21.22
CA PHE B 159 -9.48 11.15 22.56
C PHE B 159 -10.09 10.06 23.45
N LYS B 160 -10.91 9.18 22.87
CA LYS B 160 -11.47 8.03 23.59
C LYS B 160 -10.37 6.99 23.78
N HIS B 161 -10.55 6.05 24.70
CA HIS B 161 -9.52 5.10 25.08
C HIS B 161 -9.11 4.31 23.85
N PRO B 162 -7.87 4.51 23.36
CA PRO B 162 -7.47 3.72 22.19
C PRO B 162 -7.12 2.28 22.58
N GLN B 163 -7.29 1.37 21.63
CA GLN B 163 -6.76 0.01 21.71
C GLN B 163 -6.15 -0.37 20.38
N PRO B 164 -4.93 -0.98 20.37
CA PRO B 164 -4.29 -1.38 19.10
C PRO B 164 -5.25 -2.21 18.27
N PHE B 165 -5.16 -2.03 16.95
CA PHE B 165 -6.09 -2.58 15.99
C PHE B 165 -7.53 -2.06 16.03
N LEU B 166 -8.24 -2.29 17.14
CA LEU B 166 -9.66 -1.95 17.22
C LEU B 166 -10.00 -0.43 17.13
N ARG B 167 -9.18 0.40 17.78
CA ARG B 167 -9.56 1.80 18.02
C ARG B 167 -8.32 2.68 18.07
N THR B 168 -7.90 3.17 16.92
CA THR B 168 -6.63 3.88 16.84
C THR B 168 -6.82 5.18 16.08
N ARG B 169 -5.96 6.15 16.37
CA ARG B 169 -5.95 7.45 15.66
C ARG B 169 -5.45 7.36 14.20
N GLU B 170 -4.35 6.67 13.94
CA GLU B 170 -3.93 6.41 12.58
C GLU B 170 -4.25 4.95 12.32
N PHE B 171 -4.83 4.68 11.17
CA PHE B 171 -5.09 3.30 10.79
C PHE B 171 -5.06 3.12 9.29
N LEU B 172 -4.72 1.89 8.87
CA LEU B 172 -4.75 1.52 7.46
C LEU B 172 -6.15 1.00 7.11
N TRP B 173 -6.59 1.32 5.90
CA TRP B 173 -7.81 0.80 5.37
C TRP B 173 -7.75 0.75 3.88
N GLN B 174 -8.82 0.23 3.30
CA GLN B 174 -9.21 0.57 1.99
C GLN B 174 -10.48 1.42 2.04
N GLU B 175 -10.61 2.34 1.10
CA GLU B 175 -11.86 3.01 0.88
C GLU B 175 -12.20 2.96 -0.62
N GLY B 176 -13.44 2.56 -0.90
CA GLY B 176 -13.98 2.54 -2.25
C GLY B 176 -14.96 3.66 -2.44
N HIS B 177 -14.96 4.28 -3.64
CA HIS B 177 -15.90 5.33 -3.93
C HIS B 177 -16.36 5.15 -5.36
N SER B 178 -17.64 4.85 -5.51
CA SER B 178 -18.22 4.73 -6.84
C SER B 178 -19.37 5.65 -7.11
N ALA B 179 -19.42 6.11 -8.35
CA ALA B 179 -20.40 7.06 -8.80
C ALA B 179 -21.09 6.50 -10.03
N PHE B 180 -22.41 6.69 -10.08
CA PHE B 180 -23.33 6.00 -10.99
C PHE B 180 -24.36 6.92 -11.68
N ALA B 181 -24.77 6.48 -12.86
CA ALA B 181 -25.86 7.12 -13.58
C ALA B 181 -27.19 6.78 -12.89
N THR B 182 -27.43 5.48 -12.63
CA THR B 182 -28.69 5.04 -12.03
C THR B 182 -28.57 4.63 -10.55
N MET B 183 -29.66 4.76 -9.79
CA MET B 183 -29.73 4.28 -8.41
C MET B 183 -29.67 2.77 -8.36
N GLU B 184 -30.24 2.11 -9.38
CA GLU B 184 -30.21 0.64 -9.48
C GLU B 184 -28.79 0.07 -9.33
N GLU B 185 -27.84 0.57 -10.12
CA GLU B 185 -26.45 0.07 -10.11
C GLU B 185 -25.77 0.32 -8.75
N ALA B 186 -26.00 1.51 -8.19
CA ALA B 186 -25.46 1.90 -6.88
C ALA B 186 -25.95 0.99 -5.77
N ALA B 187 -27.27 0.77 -5.72
CA ALA B 187 -27.91 -0.04 -4.68
C ALA B 187 -27.43 -1.48 -4.75
N GLU B 188 -27.21 -1.98 -5.97
CA GLU B 188 -26.63 -3.29 -6.28
C GLU B 188 -25.21 -3.39 -5.72
N GLU B 189 -24.42 -2.32 -5.86
CA GLU B 189 -23.01 -2.32 -5.43
C GLU B 189 -22.86 -2.36 -3.90
N VAL B 190 -23.66 -1.56 -3.19
CA VAL B 190 -23.63 -1.53 -1.70
C VAL B 190 -23.71 -2.94 -1.11
N LEU B 191 -24.69 -3.72 -1.56
CA LEU B 191 -24.87 -5.09 -1.08
C LEU B 191 -23.77 -6.03 -1.57
N GLN B 192 -23.37 -5.88 -2.84
CA GLN B 192 -22.23 -6.64 -3.35
C GLN B 192 -20.99 -6.51 -2.40
N ILE B 193 -20.61 -5.26 -2.13
CA ILE B 193 -19.51 -4.94 -1.20
C ILE B 193 -19.74 -5.51 0.21
N LEU B 194 -20.87 -5.16 0.82
CA LEU B 194 -21.18 -5.73 2.15
C LEU B 194 -21.03 -7.26 2.25
N ASP B 195 -21.47 -8.01 1.22
CA ASP B 195 -21.20 -9.48 1.17
C ASP B 195 -19.72 -9.84 1.14
N LEU B 196 -18.90 -9.07 0.40
CA LEU B 196 -17.42 -9.25 0.43
C LEU B 196 -16.80 -9.02 1.81
N TYR B 197 -17.23 -7.96 2.50
CA TYR B 197 -16.81 -7.73 3.90
C TYR B 197 -17.20 -8.89 4.83
N ALA B 198 -18.41 -9.41 4.67
CA ALA B 198 -18.82 -10.60 5.38
C ALA B 198 -17.97 -11.83 4.99
N GLN B 199 -17.60 -11.94 3.71
CA GLN B 199 -16.72 -13.02 3.21
C GLN B 199 -15.32 -12.98 3.83
N VAL B 200 -14.81 -11.76 4.04
CA VAL B 200 -13.53 -11.51 4.69
C VAL B 200 -13.59 -12.00 6.13
N TYR B 201 -14.65 -11.66 6.85
CA TYR B 201 -14.75 -12.05 8.26
C TYR B 201 -15.06 -13.53 8.50
N GLU B 202 -15.95 -14.10 7.69
CA GLU B 202 -16.39 -15.48 7.91
C GLU B 202 -15.43 -16.48 7.27
N GLU B 203 -14.97 -16.20 6.04
CA GLU B 203 -14.07 -17.11 5.30
C GLU B 203 -12.57 -17.04 5.64
N LEU B 204 -12.03 -15.83 5.66
CA LEU B 204 -10.63 -15.61 6.01
C LEU B 204 -10.40 -15.63 7.52
N LEU B 205 -11.17 -14.85 8.27
CA LEU B 205 -10.91 -14.70 9.70
C LEU B 205 -11.75 -15.56 10.64
N ALA B 206 -12.62 -16.42 10.09
CA ALA B 206 -13.52 -17.32 10.89
C ALA B 206 -14.31 -16.60 11.99
N ILE B 207 -14.77 -15.38 11.69
CA ILE B 207 -15.65 -14.60 12.57
C ILE B 207 -17.01 -14.42 11.87
N PRO B 208 -18.07 -15.03 12.41
CA PRO B 208 -19.43 -14.76 11.91
C PRO B 208 -19.86 -13.33 12.15
N VAL B 209 -20.69 -12.79 11.24
CA VAL B 209 -21.14 -11.40 11.33
C VAL B 209 -22.61 -11.23 11.08
N VAL B 210 -23.20 -10.23 11.73
CA VAL B 210 -24.58 -9.83 11.50
C VAL B 210 -24.62 -8.69 10.49
N LYS B 211 -25.21 -8.95 9.31
CA LYS B 211 -25.36 -7.93 8.26
C LYS B 211 -26.53 -7.04 8.65
N GLY B 212 -26.39 -5.73 8.51
CA GLY B 212 -27.50 -4.87 8.89
C GLY B 212 -27.50 -3.45 8.39
N ARG B 213 -28.50 -2.69 8.85
CA ARG B 213 -28.57 -1.26 8.56
C ARG B 213 -28.38 -0.43 9.83
N LYS B 214 -27.67 0.69 9.71
CA LYS B 214 -27.47 1.57 10.85
C LYS B 214 -28.72 2.38 11.11
N THR B 215 -28.93 2.80 12.36
CA THR B 215 -30.05 3.67 12.73
C THR B 215 -29.78 5.10 12.27
N GLU B 216 -30.86 5.90 12.18
CA GLU B 216 -30.80 7.34 11.90
C GLU B 216 -29.65 8.07 12.63
N LYS B 217 -29.47 7.80 13.92
CA LYS B 217 -28.40 8.44 14.69
C LYS B 217 -27.01 8.01 14.24
N GLU B 218 -26.87 6.74 13.87
CA GLU B 218 -25.58 6.13 13.58
C GLU B 218 -25.16 6.19 12.10
N LYS B 219 -26.10 6.48 11.20
CA LYS B 219 -25.85 6.50 9.75
C LYS B 219 -24.75 7.53 9.40
N PHE B 220 -24.04 7.26 8.30
CA PHE B 220 -23.05 8.21 7.72
C PHE B 220 -23.70 9.56 7.42
N ALA B 221 -23.09 10.60 8.00
CA ALA B 221 -23.66 11.94 8.13
C ALA B 221 -24.40 12.55 6.92
N GLY B 222 -23.77 12.51 5.75
CA GLY B 222 -24.39 13.08 4.57
C GLY B 222 -25.29 12.12 3.82
N GLY B 223 -25.07 10.81 4.00
CA GLY B 223 -25.62 9.78 3.11
C GLY B 223 -27.11 9.46 3.20
N ASP B 224 -27.60 8.65 2.26
CA ASP B 224 -28.98 8.14 2.32
C ASP B 224 -29.02 7.03 3.37
N TYR B 225 -28.31 5.94 3.14
CA TYR B 225 -28.25 4.88 4.11
C TYR B 225 -26.84 4.28 4.33
N THR B 226 -26.69 3.49 5.37
CA THR B 226 -25.44 2.84 5.75
C THR B 226 -25.71 1.37 6.15
N THR B 227 -25.11 0.45 5.38
CA THR B 227 -25.14 -0.96 5.72
C THR B 227 -23.83 -1.30 6.43
N THR B 228 -23.81 -2.38 7.22
CA THR B 228 -22.72 -2.70 8.14
C THR B 228 -22.70 -4.18 8.49
N ILE B 229 -21.52 -4.69 8.80
CA ILE B 229 -21.37 -6.01 9.44
C ILE B 229 -20.97 -5.80 10.89
N GLU B 230 -21.67 -6.47 11.81
CA GLU B 230 -21.32 -6.42 13.23
C GLU B 230 -20.77 -7.76 13.71
N ALA B 231 -19.76 -7.70 14.57
CA ALA B 231 -19.18 -8.88 15.22
C ALA B 231 -19.18 -8.76 16.74
N PHE B 232 -19.24 -9.92 17.42
CA PHE B 232 -19.29 -9.91 18.85
C PHE B 232 -18.02 -10.47 19.48
N ILE B 233 -17.55 -9.77 20.53
CA ILE B 233 -16.36 -10.14 21.28
C ILE B 233 -16.77 -10.63 22.68
N SER B 234 -16.64 -11.95 22.88
CA SER B 234 -17.16 -12.65 24.08
C SER B 234 -16.68 -12.06 25.39
N ALA B 235 -15.36 -12.00 25.54
CA ALA B 235 -14.69 -11.51 26.75
C ALA B 235 -14.98 -10.05 27.10
N SER B 236 -15.21 -9.23 26.06
CA SER B 236 -15.61 -7.83 26.23
C SER B 236 -17.00 -7.70 26.80
N GLY B 237 -17.88 -8.63 26.41
CA GLY B 237 -19.33 -8.43 26.48
C GLY B 237 -19.77 -7.29 25.56
N ARG B 238 -18.94 -6.98 24.55
CA ARG B 238 -19.09 -5.84 23.65
C ARG B 238 -19.01 -6.22 22.17
N ALA B 239 -19.73 -5.45 21.35
CA ALA B 239 -19.71 -5.62 19.91
C ALA B 239 -18.93 -4.51 19.24
N ILE B 240 -18.63 -4.71 17.95
CA ILE B 240 -17.80 -3.80 17.18
C ILE B 240 -18.15 -3.86 15.68
N GLN B 241 -18.34 -2.68 15.08
CA GLN B 241 -18.54 -2.55 13.63
C GLN B 241 -17.24 -2.97 12.93
N GLY B 242 -17.35 -3.94 12.03
CA GLY B 242 -16.21 -4.53 11.38
C GLY B 242 -16.02 -4.21 9.91
N GLY B 243 -16.80 -3.27 9.37
CA GLY B 243 -16.86 -2.97 7.93
C GLY B 243 -18.13 -2.16 7.65
N THR B 244 -18.15 -1.39 6.56
CA THR B 244 -19.26 -0.49 6.25
C THR B 244 -19.37 -0.24 4.77
N SER B 245 -20.62 -0.15 4.32
CA SER B 245 -20.93 0.12 2.95
C SER B 245 -22.06 1.14 2.92
N HIS B 246 -21.77 2.36 2.43
CA HIS B 246 -22.79 3.42 2.38
C HIS B 246 -23.42 3.59 1.01
N HIS B 247 -24.70 3.91 0.99
CA HIS B 247 -25.26 4.59 -0.16
C HIS B 247 -25.39 6.07 0.21
N LEU B 248 -24.71 6.91 -0.56
CA LEU B 248 -24.65 8.35 -0.31
C LEU B 248 -25.75 9.08 -1.04
N GLY B 249 -26.44 8.33 -1.92
CA GLY B 249 -27.40 8.84 -2.86
C GLY B 249 -26.79 9.92 -3.73
N GLN B 250 -27.41 11.10 -3.66
CA GLN B 250 -27.02 12.23 -4.46
C GLN B 250 -26.63 13.38 -3.55
N ASN B 251 -26.63 13.13 -2.24
CA ASN B 251 -26.25 14.16 -1.28
C ASN B 251 -24.90 14.82 -1.58
N PHE B 252 -23.91 13.99 -1.93
CA PHE B 252 -22.58 14.48 -2.27
C PHE B 252 -22.46 15.01 -3.68
N SER B 253 -23.13 14.35 -4.63
CA SER B 253 -23.10 14.80 -6.03
C SER B 253 -23.70 16.21 -6.22
N LYS B 254 -24.69 16.55 -5.37
CA LYS B 254 -25.29 17.89 -5.33
C LYS B 254 -24.37 18.90 -4.72
N MET B 255 -23.60 18.50 -3.71
CA MET B 255 -22.75 19.44 -3.01
C MET B 255 -21.52 19.78 -3.82
N PHE B 256 -20.96 18.77 -4.49
CA PHE B 256 -19.75 18.90 -5.30
C PHE B 256 -19.99 19.11 -6.79
N GLU B 257 -21.25 19.26 -7.23
CA GLU B 257 -21.62 19.40 -8.65
C GLU B 257 -21.01 18.30 -9.56
N ILE B 258 -21.25 17.03 -9.23
CA ILE B 258 -20.92 15.88 -10.10
C ILE B 258 -22.15 15.61 -10.94
N VAL B 259 -22.22 16.28 -12.09
CA VAL B 259 -23.42 16.30 -12.92
C VAL B 259 -23.14 16.03 -14.37
N PHE B 260 -24.19 15.61 -15.07
CA PHE B 260 -24.10 15.28 -16.48
C PHE B 260 -25.46 15.49 -17.15
N GLU B 261 -25.42 15.87 -18.42
CA GLU B 261 -26.63 15.93 -19.24
C GLU B 261 -26.77 14.56 -19.92
N ASP B 262 -28.01 14.11 -20.04
CA ASP B 262 -28.36 12.98 -20.90
C ASP B 262 -29.41 13.49 -21.87
N PRO B 263 -29.06 13.63 -23.20
CA PRO B 263 -30.00 14.08 -24.28
C PRO B 263 -31.38 13.36 -24.35
N LYS B 264 -31.52 12.28 -23.59
CA LYS B 264 -32.75 11.51 -23.46
C LYS B 264 -33.62 11.99 -22.28
N ILE B 265 -33.05 12.86 -21.44
CA ILE B 265 -33.79 13.62 -20.43
C ILE B 265 -33.40 15.11 -20.59
N PRO B 266 -33.90 15.77 -21.68
CA PRO B 266 -33.51 17.13 -22.10
C PRO B 266 -33.38 18.21 -21.02
N GLY B 267 -32.16 18.77 -20.91
CA GLY B 267 -31.83 19.90 -20.03
C GLY B 267 -31.63 19.58 -18.56
N GLU B 268 -32.52 18.73 -18.02
CA GLU B 268 -32.47 18.19 -16.65
C GLU B 268 -31.10 17.62 -16.28
N LYS B 269 -30.35 18.39 -15.48
CA LYS B 269 -29.09 17.96 -14.88
C LYS B 269 -29.26 16.70 -13.99
N GLN B 270 -28.45 15.69 -14.28
CA GLN B 270 -28.47 14.42 -13.57
C GLN B 270 -27.28 14.34 -12.61
N PHE B 271 -27.56 14.50 -11.33
CA PHE B 271 -26.59 14.29 -10.26
C PHE B 271 -26.32 12.80 -10.08
N ALA B 272 -25.04 12.45 -9.96
CA ALA B 272 -24.57 11.07 -9.86
C ALA B 272 -25.04 10.37 -8.57
N TYR B 273 -25.20 9.05 -8.64
CA TYR B 273 -25.54 8.27 -7.45
C TYR B 273 -24.28 7.65 -6.89
N GLN B 274 -24.03 7.87 -5.60
CA GLN B 274 -22.77 7.46 -5.01
C GLN B 274 -22.84 6.50 -3.80
N ASN B 275 -21.86 5.59 -3.77
CA ASN B 275 -21.48 4.80 -2.60
C ASN B 275 -20.06 5.16 -2.17
N SER B 276 -19.79 4.95 -0.89
CA SER B 276 -18.46 4.75 -0.42
C SER B 276 -18.46 3.53 0.52
N TRP B 277 -17.34 2.82 0.60
CA TRP B 277 -17.21 1.64 1.47
C TRP B 277 -15.82 1.54 2.12
N GLY B 278 -15.74 1.09 3.37
CA GLY B 278 -14.47 1.04 4.10
C GLY B 278 -14.25 -0.23 4.92
N LEU B 279 -13.03 -0.73 4.90
CA LEU B 279 -12.60 -1.81 5.79
C LEU B 279 -11.15 -1.60 6.25
N THR B 280 -10.89 -1.87 7.52
CA THR B 280 -9.63 -1.47 8.11
C THR B 280 -8.91 -2.61 8.85
N THR B 281 -7.72 -2.32 9.35
CA THR B 281 -6.92 -3.28 10.13
C THR B 281 -7.54 -3.61 11.51
N ARG B 282 -8.71 -3.03 11.80
CA ARG B 282 -9.52 -3.49 12.94
C ARG B 282 -9.81 -4.99 12.85
N THR B 283 -9.95 -5.45 11.60
CA THR B 283 -10.09 -6.86 11.24
C THR B 283 -9.14 -7.78 12.02
N ILE B 284 -7.87 -7.37 12.15
CA ILE B 284 -6.85 -8.16 12.90
C ILE B 284 -7.12 -8.19 14.42
N GLY B 285 -7.60 -7.08 14.96
CA GLY B 285 -7.85 -6.97 16.37
C GLY B 285 -9.00 -7.86 16.77
N VAL B 286 -10.05 -7.85 15.94
CA VAL B 286 -11.25 -8.66 16.13
C VAL B 286 -10.82 -10.11 16.15
N MET B 287 -10.08 -10.53 15.13
CA MET B 287 -9.46 -11.87 15.10
C MET B 287 -8.77 -12.24 16.42
N THR B 288 -7.93 -11.33 16.92
CA THR B 288 -7.21 -11.54 18.19
C THR B 288 -8.20 -11.75 19.37
N MET B 289 -9.16 -10.84 19.49
CA MET B 289 -10.20 -10.89 20.53
C MET B 289 -11.07 -12.14 20.52
N VAL B 290 -11.48 -12.56 19.33
CA VAL B 290 -12.33 -13.73 19.18
C VAL B 290 -11.55 -15.02 19.45
N HIS B 291 -10.51 -15.28 18.65
CA HIS B 291 -9.86 -16.60 18.65
C HIS B 291 -8.69 -16.73 19.63
N GLY B 292 -8.18 -15.63 20.15
CA GLY B 292 -7.09 -15.65 21.13
C GLY B 292 -7.45 -16.41 22.42
N ASP B 293 -6.47 -17.12 22.96
CA ASP B 293 -6.63 -17.88 24.21
C ASP B 293 -5.51 -17.55 25.22
N ASN B 294 -5.38 -18.42 26.23
CA ASN B 294 -4.44 -18.25 27.33
C ASN B 294 -3.00 -18.68 26.99
N MET B 295 -2.81 -19.37 25.86
CA MET B 295 -1.48 -19.59 25.29
C MET B 295 -1.06 -18.43 24.39
N GLY B 296 -2.02 -17.64 23.91
CA GLY B 296 -1.75 -16.44 23.12
C GLY B 296 -2.54 -16.36 21.83
N LEU B 297 -1.92 -15.81 20.78
CA LEU B 297 -2.55 -15.61 19.46
C LEU B 297 -2.97 -16.94 18.84
N VAL B 298 -4.04 -16.93 18.06
CA VAL B 298 -4.53 -18.13 17.36
C VAL B 298 -4.90 -17.61 15.98
N LEU B 299 -4.15 -18.06 14.98
CA LEU B 299 -4.33 -17.61 13.59
C LEU B 299 -5.27 -18.55 12.82
N PRO B 300 -6.28 -18.00 12.15
CA PRO B 300 -6.98 -18.94 11.26
C PRO B 300 -6.09 -19.33 10.06
N PRO B 301 -6.01 -20.61 9.73
CA PRO B 301 -5.12 -21.05 8.64
C PRO B 301 -5.15 -20.24 7.34
N ARG B 302 -6.27 -19.59 7.06
CA ARG B 302 -6.51 -18.93 5.75
C ARG B 302 -5.83 -17.55 5.62
N VAL B 303 -5.44 -16.98 6.76
CA VAL B 303 -4.69 -15.74 6.85
C VAL B 303 -3.33 -15.95 7.49
N ALA B 304 -3.15 -17.01 8.27
CA ALA B 304 -1.83 -17.32 8.86
C ALA B 304 -0.74 -17.34 7.80
N CYS B 305 0.29 -16.51 7.98
CA CYS B 305 1.36 -16.44 6.99
C CYS B 305 2.30 -17.61 7.11
N VAL B 306 2.39 -18.18 8.31
CA VAL B 306 2.96 -19.50 8.53
C VAL B 306 1.81 -20.41 9.01
N GLN B 307 1.50 -21.43 8.21
CA GLN B 307 0.44 -22.38 8.55
C GLN B 307 0.95 -23.54 9.37
N VAL B 308 2.17 -23.97 9.07
CA VAL B 308 2.81 -25.09 9.73
C VAL B 308 4.25 -24.72 10.05
N VAL B 309 4.66 -24.96 11.31
CA VAL B 309 6.07 -24.73 11.72
C VAL B 309 6.73 -26.08 12.05
N ILE B 310 7.85 -26.35 11.40
CA ILE B 310 8.58 -27.57 11.65
C ILE B 310 9.68 -27.30 12.65
N ILE B 311 9.75 -28.18 13.65
CA ILE B 311 10.69 -28.08 14.74
C ILE B 311 11.34 -29.46 14.98
N PRO B 312 12.70 -29.52 14.96
CA PRO B 312 13.42 -30.74 15.42
C PRO B 312 13.42 -30.83 16.92
N CYS B 313 13.16 -32.04 17.42
CA CYS B 313 13.21 -32.37 18.86
C CYS B 313 14.23 -33.48 19.08
N GLY B 314 14.65 -33.66 20.34
CA GLY B 314 15.65 -34.66 20.73
C GLY B 314 17.10 -34.31 20.40
N ILE B 315 17.35 -33.12 19.83
CA ILE B 315 18.70 -32.67 19.41
C ILE B 315 19.52 -32.13 20.56
N LEU B 319 23.54 -39.07 19.66
CA LEU B 319 23.69 -37.58 19.54
C LEU B 319 24.50 -37.18 18.28
N SER B 320 24.88 -38.20 17.48
CA SER B 320 25.96 -38.09 16.47
C SER B 320 25.73 -37.04 15.38
N GLU B 321 26.81 -36.49 14.84
CA GLU B 321 26.75 -35.46 13.75
C GLU B 321 25.90 -35.89 12.55
N GLU B 322 26.08 -37.14 12.13
CA GLU B 322 25.30 -37.79 11.06
C GLU B 322 23.81 -37.91 11.37
N ASP B 323 23.49 -38.25 12.61
CA ASP B 323 22.10 -38.38 13.05
C ASP B 323 21.34 -37.04 13.18
N LYS B 324 22.05 -35.98 13.60
CA LYS B 324 21.50 -34.60 13.64
C LYS B 324 21.33 -34.07 12.23
N GLU B 325 22.27 -34.41 11.32
CA GLU B 325 22.19 -34.05 9.88
C GLU B 325 20.91 -34.66 9.25
N ALA B 326 20.70 -35.95 9.53
CA ALA B 326 19.55 -36.72 9.01
C ALA B 326 18.22 -36.19 9.56
N LEU B 327 18.23 -35.82 10.86
CA LEU B 327 17.10 -35.16 11.49
C LEU B 327 16.73 -33.85 10.77
N ILE B 328 17.72 -32.97 10.56
CA ILE B 328 17.52 -31.77 9.71
C ILE B 328 16.95 -32.08 8.31
N ALA B 329 17.46 -33.13 7.66
CA ALA B 329 17.02 -33.50 6.31
C ALA B 329 15.53 -33.84 6.28
N LYS B 330 15.08 -34.62 7.28
CA LYS B 330 13.67 -35.00 7.43
C LYS B 330 12.77 -33.77 7.68
N CYS B 331 13.29 -32.77 8.43
CA CYS B 331 12.63 -31.45 8.52
C CYS B 331 12.49 -30.80 7.14
N ASN B 332 13.55 -30.84 6.32
CA ASN B 332 13.48 -30.26 4.97
C ASN B 332 12.56 -31.00 3.99
N ASP B 333 12.50 -32.32 4.12
CA ASP B 333 11.55 -33.13 3.35
C ASP B 333 10.09 -32.76 3.67
N TYR B 334 9.76 -32.71 4.96
CA TYR B 334 8.43 -32.24 5.40
C TYR B 334 8.11 -30.83 4.89
N ARG B 335 9.14 -29.97 4.77
CA ARG B 335 8.93 -28.60 4.34
C ARG B 335 8.52 -28.55 2.87
N ARG B 336 9.30 -29.25 2.04
CA ARG B 336 9.11 -29.27 0.58
C ARG B 336 7.81 -29.92 0.15
N ARG B 337 7.46 -31.02 0.82
CA ARG B 337 6.16 -31.71 0.65
C ARG B 337 5.00 -30.75 0.97
N LEU B 338 5.11 -30.02 2.07
CA LEU B 338 4.10 -29.05 2.45
C LEU B 338 4.02 -27.87 1.47
N LEU B 339 5.17 -27.41 0.98
CA LEU B 339 5.20 -26.42 -0.10
C LEU B 339 4.43 -26.90 -1.37
N SER B 340 4.55 -28.19 -1.70
CA SER B 340 3.92 -28.78 -2.90
C SER B 340 2.39 -28.85 -2.90
N VAL B 341 1.76 -29.07 -1.74
CA VAL B 341 0.29 -28.98 -1.60
C VAL B 341 -0.19 -27.57 -1.18
N ASN B 342 0.64 -26.56 -1.44
CA ASN B 342 0.32 -25.13 -1.26
C ASN B 342 0.13 -24.70 0.22
N ILE B 343 0.95 -25.28 1.10
CA ILE B 343 0.95 -24.93 2.50
C ILE B 343 2.12 -23.99 2.79
N ARG B 344 1.85 -22.95 3.59
CA ARG B 344 2.85 -21.96 3.97
C ARG B 344 3.59 -22.46 5.24
N VAL B 345 4.85 -22.84 5.07
CA VAL B 345 5.56 -23.61 6.09
C VAL B 345 6.91 -22.95 6.38
N ARG B 346 7.26 -22.80 7.67
CA ARG B 346 8.61 -22.43 8.05
C ARG B 346 9.16 -23.61 8.81
N ALA B 347 10.47 -23.77 8.76
CA ALA B 347 11.13 -24.78 9.55
C ALA B 347 12.02 -23.99 10.45
N ASP B 348 11.81 -24.11 11.76
CA ASP B 348 12.67 -23.44 12.73
C ASP B 348 13.87 -24.33 13.03
N LEU B 349 14.91 -24.12 12.24
CA LEU B 349 16.11 -24.95 12.29
C LEU B 349 17.23 -24.23 12.99
N ARG B 350 16.90 -23.10 13.62
CA ARG B 350 17.82 -22.34 14.44
C ARG B 350 18.34 -23.21 15.58
N ASP B 351 19.65 -23.20 15.77
CA ASP B 351 20.30 -24.04 16.79
C ASP B 351 20.64 -23.29 18.09
N ASN B 352 20.42 -21.97 18.12
CA ASN B 352 20.69 -21.14 19.32
C ASN B 352 19.65 -21.32 20.44
N TYR B 353 18.47 -21.87 20.10
CA TYR B 353 17.35 -22.02 21.06
C TYR B 353 16.91 -23.46 21.18
N SER B 354 16.36 -23.79 22.36
CA SER B 354 15.93 -25.17 22.68
C SER B 354 14.64 -25.57 21.96
N PRO B 355 14.34 -26.90 21.90
CA PRO B 355 13.05 -27.24 21.30
C PRO B 355 11.91 -26.58 22.07
N GLY B 356 11.92 -26.76 23.40
CA GLY B 356 10.95 -26.13 24.32
C GLY B 356 10.74 -24.63 24.18
N TRP B 357 11.83 -23.88 23.97
CA TRP B 357 11.73 -22.45 23.61
C TRP B 357 10.91 -22.21 22.33
N LYS B 358 11.16 -23.02 21.30
CA LYS B 358 10.48 -22.84 20.01
C LYS B 358 8.97 -23.15 20.09
N PHE B 359 8.64 -24.18 20.86
CA PHE B 359 7.26 -24.58 21.09
C PHE B 359 6.50 -23.39 21.60
N ASN B 360 7.00 -22.77 22.67
CA ASN B 360 6.38 -21.58 23.24
C ASN B 360 6.44 -20.36 22.31
N HIS B 361 7.54 -20.22 21.58
CA HIS B 361 7.63 -19.09 20.66
C HIS B 361 6.51 -19.11 19.60
N TRP B 362 6.27 -20.25 18.96
CA TRP B 362 5.30 -20.36 17.85
C TRP B 362 3.87 -20.56 18.31
N GLU B 363 3.70 -21.07 19.54
CA GLU B 363 2.37 -21.08 20.18
C GLU B 363 1.85 -19.64 20.35
N LEU B 364 2.65 -18.78 21.00
CA LEU B 364 2.41 -17.33 21.14
C LEU B 364 2.08 -16.61 19.81
N LYS B 365 2.74 -17.01 18.72
CA LYS B 365 2.54 -16.35 17.44
C LYS B 365 1.30 -16.87 16.75
N GLY B 366 0.75 -17.96 17.26
CA GLY B 366 -0.50 -18.49 16.73
C GLY B 366 -0.46 -19.44 15.55
N VAL B 367 0.70 -20.05 15.29
CA VAL B 367 0.84 -20.96 14.18
C VAL B 367 -0.14 -22.14 14.31
N PRO B 368 -1.08 -22.28 13.33
CA PRO B 368 -2.12 -23.34 13.33
C PRO B 368 -1.58 -24.73 13.66
N ILE B 369 -0.48 -25.14 13.02
CA ILE B 369 0.12 -26.45 13.23
C ILE B 369 1.63 -26.42 13.51
N ARG B 370 2.03 -27.03 14.63
CA ARG B 370 3.43 -27.28 14.94
C ARG B 370 3.77 -28.72 14.60
N LEU B 371 4.70 -28.91 13.69
CA LEU B 371 5.15 -30.23 13.31
C LEU B 371 6.46 -30.60 14.03
N GLU B 372 6.35 -31.50 15.03
CA GLU B 372 7.48 -32.02 15.82
C GLU B 372 8.13 -33.23 15.16
N VAL B 373 9.46 -33.18 15.02
CA VAL B 373 10.24 -34.28 14.40
C VAL B 373 11.44 -34.64 15.31
N GLY B 374 11.34 -35.80 15.96
CA GLY B 374 12.42 -36.32 16.80
C GLY B 374 12.97 -37.63 16.26
N PRO B 375 14.12 -38.10 16.83
CA PRO B 375 14.75 -39.32 16.35
C PRO B 375 13.88 -40.56 16.50
N ARG B 376 13.17 -40.70 17.62
CA ARG B 376 12.36 -41.91 17.84
C ARG B 376 11.16 -41.94 16.87
N ASP B 377 10.60 -40.76 16.60
CA ASP B 377 9.53 -40.62 15.61
C ASP B 377 9.95 -40.82 14.14
N MET B 378 11.20 -40.49 13.81
CA MET B 378 11.80 -40.82 12.50
C MET B 378 11.89 -42.33 12.31
N LYS B 379 12.34 -43.02 13.37
CA LYS B 379 12.44 -44.48 13.36
C LYS B 379 11.06 -45.13 13.16
N SER B 380 10.06 -44.55 13.82
CA SER B 380 8.68 -45.05 13.80
C SER B 380 7.86 -44.63 12.54
N CYS B 381 8.46 -43.77 11.70
CA CYS B 381 7.82 -43.17 10.52
C CYS B 381 6.59 -42.34 10.88
N GLN B 382 6.77 -41.53 11.91
CA GLN B 382 5.73 -40.60 12.28
C GLN B 382 6.25 -39.22 12.62
N PHE B 383 5.31 -38.29 12.72
CA PHE B 383 5.59 -37.00 13.26
C PHE B 383 4.45 -36.67 14.20
N VAL B 384 4.64 -35.65 15.03
CA VAL B 384 3.56 -35.18 15.86
C VAL B 384 3.10 -33.88 15.21
N ALA B 385 1.79 -33.74 14.99
CA ALA B 385 1.19 -32.48 14.59
C ALA B 385 0.44 -31.91 15.79
N VAL B 386 0.81 -30.71 16.21
CA VAL B 386 0.16 -30.10 17.37
C VAL B 386 -0.69 -28.92 16.93
N ARG B 387 -2.01 -29.17 16.87
CA ARG B 387 -3.00 -28.17 16.53
C ARG B 387 -3.08 -27.15 17.65
N ARG B 388 -3.00 -25.89 17.26
CA ARG B 388 -2.92 -24.77 18.16
C ARG B 388 -4.24 -24.46 18.87
N ASP B 389 -5.36 -24.69 18.17
CA ASP B 389 -6.71 -24.42 18.72
C ASP B 389 -7.13 -25.33 19.90
N THR B 390 -6.97 -26.64 19.73
CA THR B 390 -7.38 -27.65 20.70
C THR B 390 -6.29 -28.03 21.71
N GLY B 391 -5.03 -27.85 21.31
CA GLY B 391 -3.88 -28.38 22.05
C GLY B 391 -3.58 -29.79 21.58
N GLU B 392 -4.47 -30.32 20.73
CA GLU B 392 -4.47 -31.73 20.32
C GLU B 392 -3.13 -32.23 19.78
N LYS B 393 -2.37 -32.88 20.66
CA LYS B 393 -1.22 -33.66 20.21
C LYS B 393 -1.73 -34.87 19.44
N LEU B 394 -1.41 -34.87 18.14
CA LEU B 394 -1.82 -35.92 17.21
C LEU B 394 -0.60 -36.58 16.64
N THR B 395 -0.48 -37.88 16.86
CA THR B 395 0.52 -38.70 16.19
C THR B 395 -0.03 -39.04 14.80
N VAL B 396 0.72 -38.64 13.77
CA VAL B 396 0.31 -38.80 12.39
C VAL B 396 1.34 -39.66 11.68
N ALA B 397 0.86 -40.61 10.87
CA ALA B 397 1.72 -41.42 10.00
C ALA B 397 2.36 -40.55 8.92
N GLU B 398 3.64 -40.84 8.62
CA GLU B 398 4.50 -39.98 7.78
C GLU B 398 4.02 -39.76 6.36
N ASN B 399 3.51 -40.82 5.72
CA ASN B 399 3.05 -40.75 4.33
C ASN B 399 1.67 -40.10 4.11
N GLU B 400 1.05 -39.69 5.21
CA GLU B 400 -0.26 -39.04 5.21
C GLU B 400 -0.15 -37.53 5.52
N ALA B 401 1.08 -37.00 5.63
CA ALA B 401 1.32 -35.60 5.98
C ALA B 401 0.39 -34.64 5.21
N GLU B 402 0.40 -34.73 3.88
CA GLU B 402 -0.38 -33.82 3.05
C GLU B 402 -1.87 -33.89 3.36
N THR B 403 -2.45 -35.08 3.23
CA THR B 403 -3.87 -35.31 3.47
C THR B 403 -4.29 -34.76 4.85
N LYS B 404 -3.59 -35.24 5.88
CA LYS B 404 -3.93 -34.94 7.28
C LYS B 404 -3.66 -33.49 7.68
N LEU B 405 -2.56 -32.90 7.20
CA LEU B 405 -2.29 -31.48 7.51
C LEU B 405 -3.38 -30.58 6.93
N GLN B 406 -3.63 -30.73 5.62
CA GLN B 406 -4.79 -30.14 4.94
C GLN B 406 -6.06 -30.26 5.79
N ALA B 407 -6.44 -31.50 6.10
CA ALA B 407 -7.64 -31.79 6.90
C ALA B 407 -7.65 -31.02 8.23
N ILE B 408 -6.53 -31.07 8.95
CA ILE B 408 -6.40 -30.40 10.24
C ILE B 408 -6.50 -28.87 10.02
N LEU B 409 -5.76 -28.37 9.04
CA LEU B 409 -5.80 -26.97 8.65
C LEU B 409 -7.24 -26.50 8.36
N GLU B 410 -7.91 -27.15 7.41
CA GLU B 410 -9.28 -26.79 7.07
C GLU B 410 -10.24 -27.05 8.24
N ASP B 411 -9.94 -28.06 9.06
CA ASP B 411 -10.77 -28.28 10.27
C ASP B 411 -10.49 -27.30 11.39
N ILE B 412 -9.27 -26.76 11.48
CA ILE B 412 -8.94 -25.66 12.43
C ILE B 412 -9.80 -24.45 12.08
N GLN B 413 -9.80 -24.08 10.79
CA GLN B 413 -10.64 -22.99 10.27
C GLN B 413 -12.11 -23.20 10.68
N VAL B 414 -12.64 -24.39 10.34
CA VAL B 414 -14.03 -24.77 10.56
C VAL B 414 -14.37 -24.78 12.06
N THR B 415 -13.44 -25.28 12.88
CA THR B 415 -13.58 -25.30 14.34
C THR B 415 -13.67 -23.90 14.92
N LEU B 416 -12.73 -23.04 14.54
CA LEU B 416 -12.67 -21.64 14.99
C LEU B 416 -13.95 -20.90 14.63
N PHE B 417 -14.45 -21.17 13.42
CA PHE B 417 -15.70 -20.59 12.92
C PHE B 417 -16.90 -21.15 13.72
N THR B 418 -16.90 -22.47 13.94
CA THR B 418 -17.95 -23.16 14.70
C THR B 418 -18.05 -22.60 16.12
N ARG B 419 -16.93 -22.61 16.85
CA ARG B 419 -16.88 -22.09 18.22
C ARG B 419 -17.36 -20.66 18.35
N ALA B 420 -16.94 -19.81 17.41
CA ALA B 420 -17.31 -18.37 17.37
C ALA B 420 -18.76 -18.12 16.96
N SER B 421 -19.26 -18.90 15.98
CA SER B 421 -20.70 -19.03 15.72
C SER B 421 -21.50 -19.47 16.97
N GLU B 422 -21.05 -20.56 17.63
CA GLU B 422 -21.73 -21.08 18.85
C GLU B 422 -21.80 -20.00 19.93
N ASP B 423 -20.70 -19.30 20.14
CA ASP B 423 -20.65 -18.11 21.00
C ASP B 423 -21.70 -17.06 20.67
N LEU B 424 -21.79 -16.77 19.36
CA LEU B 424 -22.64 -15.71 18.80
C LEU B 424 -24.14 -15.88 19.07
N LYS B 425 -24.67 -17.03 18.65
CA LYS B 425 -26.07 -17.35 18.86
C LYS B 425 -26.35 -17.76 20.33
N THR B 426 -25.37 -17.52 21.20
CA THR B 426 -25.49 -17.73 22.66
C THR B 426 -25.57 -16.38 23.39
N HIS B 427 -24.84 -15.38 22.88
CA HIS B 427 -24.91 -14.04 23.47
C HIS B 427 -25.74 -13.04 22.63
N MET B 428 -26.32 -13.56 21.52
CA MET B 428 -27.33 -12.81 20.75
C MET B 428 -28.74 -13.36 21.00
N VAL B 429 -29.53 -12.61 21.77
CA VAL B 429 -30.91 -13.04 22.17
C VAL B 429 -31.97 -11.95 21.96
N VAL B 430 -33.24 -12.34 22.13
CA VAL B 430 -34.41 -11.46 21.88
C VAL B 430 -35.06 -11.01 23.20
N ALA B 431 -35.31 -9.70 23.32
CA ALA B 431 -36.06 -9.11 24.44
C ALA B 431 -37.03 -8.03 23.96
N ASN B 432 -38.25 -8.00 24.58
CA ASN B 432 -39.34 -7.16 24.14
C ASN B 432 -39.69 -5.99 25.06
N THR B 433 -39.14 -6.01 26.29
CA THR B 433 -39.39 -4.94 27.29
C THR B 433 -38.08 -4.36 27.79
N MET B 434 -38.13 -3.12 28.27
CA MET B 434 -36.96 -2.39 28.81
C MET B 434 -36.30 -3.09 30.00
N GLU B 435 -37.12 -3.65 30.90
CA GLU B 435 -36.63 -4.42 32.06
C GLU B 435 -35.84 -5.68 31.64
N ASP B 436 -36.36 -6.41 30.65
CA ASP B 436 -35.72 -7.65 30.16
C ASP B 436 -34.53 -7.37 29.23
N PHE B 437 -34.58 -6.23 28.54
CA PHE B 437 -33.43 -5.71 27.81
C PHE B 437 -32.30 -5.44 28.83
N GLN B 438 -32.58 -4.65 29.87
CA GLN B 438 -31.60 -4.29 30.89
C GLN B 438 -30.89 -5.51 31.53
N LYS B 439 -31.67 -6.50 31.99
CA LYS B 439 -31.12 -7.71 32.62
C LYS B 439 -30.15 -8.48 31.71
N ILE B 440 -30.66 -9.04 30.61
CA ILE B 440 -29.88 -9.80 29.62
C ILE B 440 -28.55 -9.10 29.26
N LEU B 441 -28.62 -7.79 29.08
CA LEU B 441 -27.50 -6.97 28.62
C LEU B 441 -26.33 -6.96 29.58
N ASP B 442 -26.60 -7.00 30.88
CA ASP B 442 -25.57 -6.88 31.90
C ASP B 442 -24.87 -8.22 32.30
N SER B 443 -25.12 -9.28 31.52
CA SER B 443 -24.34 -10.52 31.57
C SER B 443 -23.29 -10.63 30.43
N GLY B 444 -23.26 -9.63 29.55
CA GLY B 444 -22.31 -9.59 28.42
C GLY B 444 -22.94 -10.19 27.17
N LYS B 445 -24.10 -9.65 26.81
CA LYS B 445 -24.90 -10.16 25.70
C LYS B 445 -25.35 -9.01 24.78
N ILE B 446 -25.85 -9.37 23.60
CA ILE B 446 -26.38 -8.38 22.65
C ILE B 446 -27.82 -8.69 22.25
N VAL B 447 -28.65 -7.64 22.28
CA VAL B 447 -30.11 -7.81 22.27
C VAL B 447 -30.85 -7.11 21.12
N GLN B 448 -31.63 -7.91 20.37
CA GLN B 448 -32.56 -7.41 19.36
C GLN B 448 -33.90 -6.96 20.01
N ILE B 449 -34.10 -5.66 20.12
CA ILE B 449 -35.32 -5.08 20.71
C ILE B 449 -36.20 -4.39 19.65
N PRO B 450 -37.55 -4.40 19.83
CA PRO B 450 -38.41 -3.60 18.95
C PRO B 450 -38.13 -2.11 19.08
N PHE B 451 -38.02 -1.43 17.95
CA PHE B 451 -37.52 -0.06 17.94
C PHE B 451 -38.20 0.82 16.92
N CYS B 452 -38.33 2.09 17.29
CA CYS B 452 -38.98 3.12 16.47
C CYS B 452 -38.03 3.99 15.62
N GLY B 453 -36.72 3.86 15.88
CA GLY B 453 -35.69 4.49 15.05
C GLY B 453 -35.50 5.98 15.30
N GLU B 454 -35.80 6.45 16.50
CA GLU B 454 -35.69 7.88 16.79
C GLU B 454 -34.43 8.27 17.56
N ILE B 455 -33.70 9.25 17.01
CA ILE B 455 -32.56 9.92 17.67
C ILE B 455 -32.84 10.19 19.17
N ASP B 456 -33.95 10.87 19.46
CA ASP B 456 -34.40 11.12 20.85
C ASP B 456 -34.56 9.81 21.62
N CYS B 457 -35.34 8.87 21.06
CA CYS B 457 -35.57 7.56 21.65
C CYS B 457 -34.32 6.72 21.84
N GLU B 458 -33.26 7.00 21.07
CA GLU B 458 -31.98 6.28 21.17
C GLU B 458 -31.07 6.83 22.27
N ASP B 459 -30.97 8.17 22.36
CA ASP B 459 -30.26 8.89 23.42
C ASP B 459 -30.80 8.62 24.82
N TRP B 460 -32.13 8.59 24.95
CA TRP B 460 -32.79 8.23 26.20
C TRP B 460 -32.39 6.82 26.63
N ILE B 461 -32.40 5.86 25.67
CA ILE B 461 -31.99 4.47 25.97
C ILE B 461 -30.61 4.46 26.57
N LYS B 462 -29.65 5.13 25.93
CA LYS B 462 -28.29 5.26 26.46
C LYS B 462 -28.25 5.83 27.89
N LYS B 463 -29.03 6.89 28.15
CA LYS B 463 -29.11 7.50 29.49
C LYS B 463 -29.58 6.49 30.55
N THR B 464 -30.68 5.79 30.24
CA THR B 464 -31.32 4.82 31.16
C THR B 464 -30.51 3.54 31.32
N THR B 465 -29.93 3.06 30.22
CA THR B 465 -29.28 1.75 30.16
C THR B 465 -27.94 1.73 30.93
N ALA B 466 -27.31 2.91 31.05
CA ALA B 466 -26.11 3.12 31.86
C ALA B 466 -26.37 3.12 33.37
N ARG B 467 -27.64 3.27 33.79
CA ARG B 467 -28.07 3.12 35.21
C ARG B 467 -29.52 2.59 35.34
N MET B 478 -21.06 2.59 31.77
CA MET B 478 -20.88 1.95 30.44
C MET B 478 -22.23 1.82 29.72
N GLY B 479 -22.60 2.88 28.98
CA GLY B 479 -23.90 2.95 28.30
C GLY B 479 -24.02 2.05 27.07
N ALA B 480 -25.22 1.55 26.80
CA ALA B 480 -25.48 0.74 25.61
C ALA B 480 -26.05 1.56 24.46
N LYS B 481 -25.74 1.11 23.24
CA LYS B 481 -26.17 1.77 21.99
C LYS B 481 -26.47 0.75 20.88
N SER B 482 -27.04 1.25 19.79
CA SER B 482 -27.49 0.40 18.70
C SER B 482 -26.30 -0.05 17.85
N LEU B 483 -26.48 -1.16 17.15
CA LEU B 483 -25.45 -1.69 16.28
C LEU B 483 -26.01 -1.70 14.87
N CYS B 484 -26.92 -2.63 14.57
CA CYS B 484 -27.62 -2.64 13.29
C CYS B 484 -29.08 -3.14 13.34
N ILE B 485 -29.78 -2.92 12.23
CA ILE B 485 -31.12 -3.39 12.00
C ILE B 485 -30.92 -4.54 10.99
N PRO B 486 -30.93 -5.81 11.46
CA PRO B 486 -30.51 -7.00 10.67
C PRO B 486 -31.36 -7.34 9.44
N PHE B 487 -30.74 -7.79 8.35
CA PHE B 487 -31.48 -8.23 7.14
C PHE B 487 -32.31 -9.52 7.36
N LYS B 488 -31.83 -10.35 8.28
CA LYS B 488 -32.53 -11.53 8.70
C LYS B 488 -32.66 -11.46 10.23
N PRO B 489 -33.58 -10.61 10.77
CA PRO B 489 -33.74 -10.50 12.24
C PRO B 489 -34.28 -11.82 12.83
N LEU B 490 -34.16 -12.00 14.16
CA LEU B 490 -34.52 -13.29 14.79
C LEU B 490 -36.01 -13.58 14.77
N CYS B 491 -36.80 -12.53 15.01
CA CYS B 491 -38.26 -12.55 14.92
C CYS B 491 -38.81 -11.51 13.92
N GLU B 492 -39.99 -11.78 13.36
CA GLU B 492 -40.80 -10.75 12.70
C GLU B 492 -41.41 -9.86 13.79
N LEU B 493 -41.63 -8.58 13.46
CA LEU B 493 -42.22 -7.64 14.42
C LEU B 493 -43.76 -7.64 14.34
N GLN B 494 -44.39 -7.77 15.50
CA GLN B 494 -45.86 -7.77 15.67
C GLN B 494 -46.57 -6.58 14.97
N PRO B 495 -47.73 -6.84 14.32
CA PRO B 495 -48.56 -5.72 13.86
C PRO B 495 -49.08 -4.85 15.01
N GLY B 496 -48.57 -3.60 15.07
CA GLY B 496 -48.93 -2.62 16.11
C GLY B 496 -48.09 -2.65 17.37
N ALA B 497 -46.91 -3.27 17.31
CA ALA B 497 -46.03 -3.40 18.49
C ALA B 497 -45.35 -2.07 18.87
N LYS B 498 -45.44 -1.76 20.17
CA LYS B 498 -44.82 -0.56 20.75
C LYS B 498 -43.31 -0.75 20.93
N CYS B 499 -42.55 0.30 20.60
CA CYS B 499 -41.11 0.37 20.89
C CYS B 499 -40.86 0.22 22.39
N VAL B 500 -39.75 -0.44 22.71
CA VAL B 500 -39.24 -0.58 24.08
C VAL B 500 -39.01 0.84 24.66
N CYS B 501 -40.10 1.44 25.17
CA CYS B 501 -40.17 2.89 25.46
C CYS B 501 -41.44 3.25 26.25
N ASN B 504 -45.06 6.18 20.82
CA ASN B 504 -44.67 5.90 19.36
C ASN B 504 -44.45 4.38 19.15
N PRO B 505 -45.02 3.80 18.06
CA PRO B 505 -44.90 2.35 17.82
C PRO B 505 -43.54 1.97 17.20
N ALA B 506 -43.17 0.68 17.27
CA ALA B 506 -41.91 0.20 16.70
C ALA B 506 -41.96 0.12 15.16
N LYS B 507 -40.77 0.00 14.53
CA LYS B 507 -40.64 -0.09 13.09
C LYS B 507 -39.87 -1.33 12.66
N TYR B 508 -39.02 -1.82 13.55
CA TYR B 508 -38.11 -2.97 13.30
C TYR B 508 -37.44 -3.41 14.60
N TYR B 509 -37.11 -4.69 14.65
CA TYR B 509 -36.11 -5.16 15.60
C TYR B 509 -34.74 -4.51 15.27
N THR B 510 -34.13 -3.95 16.33
CA THR B 510 -32.83 -3.32 16.27
C THR B 510 -31.92 -3.94 17.31
N LEU B 511 -30.86 -4.56 16.80
CA LEU B 511 -29.76 -5.12 17.59
C LEU B 511 -29.01 -3.98 18.31
N PHE B 512 -29.05 -4.03 19.63
CA PHE B 512 -28.41 -3.06 20.52
C PHE B 512 -27.31 -3.78 21.28
N GLY B 513 -26.53 -3.02 22.06
CA GLY B 513 -25.46 -3.58 22.88
C GLY B 513 -24.47 -2.56 23.41
N ARG B 514 -23.49 -3.06 24.17
CA ARG B 514 -22.33 -2.26 24.57
C ARG B 514 -21.28 -2.28 23.45
N SER B 515 -20.65 -1.13 23.20
CA SER B 515 -19.90 -0.97 21.94
C SER B 515 -18.50 -0.32 21.97
N TYR B 516 -17.68 -0.69 20.98
CA TYR B 516 -16.34 -0.14 20.76
C TYR B 516 -16.32 1.15 19.90
N3 91Y C . 12.25 12.29 -4.21
C4 91Y C . 10.97 12.56 -4.71
C6 91Y C . 9.08 11.94 -5.93
C7 91Y C . 8.49 13.19 -5.66
C10 91Y C . 11.05 14.86 -3.65
N12 91Y C . 10.34 15.92 -3.18
C13 91Y C . 10.96 17.00 -2.41
C15 91Y C . 9.64 18.96 -2.94
C17 91Y C . 8.59 20.65 -4.25
C20 91Y C . 10.73 18.95 -3.81
C21 91Y C . 11.75 17.95 -3.34
C22 91Y C . 14.49 11.26 -3.86
C24 91Y C . 14.64 8.76 -3.28
C26 91Y C . 13.87 10.38 -1.53
O1 91Y C . 12.83 10.48 -5.41
C2 91Y C . 13.12 11.31 -4.56
N5 91Y C . 10.28 11.67 -5.44
N8 91Y C . 9.15 14.09 -4.94
C9 91Y C . 10.36 13.82 -4.45
O11 91Y C . 12.25 14.75 -3.41
C14 91Y C . 9.87 17.94 -1.85
C16 91Y C . 8.55 19.81 -3.15
C18 91Y C . 9.68 20.65 -5.14
C19 91Y C . 10.75 19.81 -4.92
C23 91Y C . 15.23 9.92 -4.11
C25 91Y C . 14.66 9.09 -1.79
C27 91Y C . 14.42 11.57 -2.34
N PRO D . 15.47 7.40 4.26
CA PRO D . 16.38 7.65 3.12
C PRO D . 16.08 8.95 2.35
O PRO D . 15.14 9.69 2.69
CB PRO D . 16.19 6.42 2.23
CG PRO D . 14.83 5.91 2.57
CD PRO D . 14.66 6.18 4.04
OXT PRO D . 16.77 9.31 1.39
ZN ZN E . 38.32 21.53 -7.24
N3 91Y F . -12.46 2.04 12.35
C4 91Y F . -11.19 1.80 12.90
C6 91Y F . -9.24 0.54 13.02
C7 91Y F . -8.72 1.41 13.99
C10 91Y F . -11.41 3.86 14.38
N12 91Y F . -10.82 4.78 15.17
C13 91Y F . -11.56 5.94 15.68
C15 91Y F . -10.33 6.71 17.61
C17 91Y F . -9.29 6.68 19.80
C20 91Y F . -11.35 5.87 18.09
C21 91Y F . -12.33 5.59 16.98
C22 91Y F . -14.63 1.73 11.15
C24 91Y F . -14.91 0.82 8.75
C26 91Y F . -14.13 3.21 9.08
O1 91Y F . -12.90 0.07 11.42
C2 91Y F . -13.26 1.21 11.63
N5 91Y F . -10.44 0.76 12.50
N8 91Y F . -9.45 2.44 14.38
C9 91Y F . -10.66 2.68 13.88
O11 91Y F . -12.57 4.01 14.07
C14 91Y F . -10.58 7.03 16.15
C16 91Y F . -9.30 7.11 18.47
C18 91Y F . -10.30 5.86 20.26
C19 91Y F . -11.33 5.45 19.42
C23 91Y F . -15.38 0.76 10.21
C25 91Y F . -14.93 2.25 8.19
C27 91Y F . -14.61 3.16 10.55
N PRO G . -15.57 6.84 3.75
CA PRO G . -16.57 6.07 4.51
C PRO G . -16.32 6.15 6.02
O PRO G . -16.94 5.39 6.76
CB PRO G . -16.38 4.64 4.01
CG PRO G . -15.00 4.61 3.45
CD PRO G . -14.75 5.98 2.89
OXT PRO G . -15.53 6.98 6.51
ZN ZN H . -38.81 4.45 21.19
#